data_1L6F
#
_entry.id   1L6F
#
_cell.length_a   99.960
_cell.length_b   90.866
_cell.length_c   85.417
_cell.angle_alpha   90.00
_cell.angle_beta   90.00
_cell.angle_gamma   90.00
#
_symmetry.space_group_name_H-M   'P 21 21 21'
#
loop_
_entity.id
_entity.type
_entity.pdbx_description
1 polymer 'alanine racemase'
2 non-polymer "ALANYL-PYRIDOXAL-5'-PHOSPHATE"
3 water water
#
_entity_poly.entity_id   1
_entity_poly.type   'polypeptide(L)'
_entity_poly.pdbx_seq_one_letter_code
;MNDFHRDTWAEVDLDAIYDNVENLRRLLPDDTHIMAVVKANAYGHGDVQVARTALEAGASRLAVAFLDEALALREKGIEA
PILVLGASRPADAALAAQQRIALTVFRSDWLEEASALYSGPFPIHFHL(KCX)MDTGMGRLGVKDEEETKRIVALIERHP
HFVLEGLYTHFATADEVNTDYFSYQYTRFLHMLEWLPSRPPLVHCANSAASLRFPDRTFNMVRFGIAMYGLAPSPGIKPL
LPYPLKEAFSLHSRLVHVKKLQPGEKVSYGATYTAQTEEWIGTIPIGYADGWLRRLQHFHVLVDGQKAPIVGRICMDQCM
IRLPGPLPVGTKVTLIGRQGDEVISIDDVARHLETINYEVPCTISYRVPRIFFRHKRIMEVRNAIGRGESSA
;
_entity_poly.pdbx_strand_id   A,B
#
# COMPACT_ATOMS: atom_id res chain seq x y z
N ASN A 2 -13.91 -15.50 -5.67
CA ASN A 2 -13.78 -14.02 -5.53
C ASN A 2 -14.06 -13.29 -6.85
N ASP A 3 -14.73 -12.15 -6.75
CA ASP A 3 -15.05 -11.35 -7.94
C ASP A 3 -14.79 -9.90 -7.60
N PHE A 4 -14.61 -9.07 -8.62
CA PHE A 4 -14.36 -7.66 -8.40
C PHE A 4 -15.22 -6.80 -9.31
N HIS A 5 -15.53 -5.58 -8.87
CA HIS A 5 -16.39 -4.68 -9.63
C HIS A 5 -15.81 -3.36 -10.11
N ARG A 6 -14.51 -3.38 -10.41
CA ARG A 6 -13.84 -2.22 -10.97
C ARG A 6 -12.93 -2.82 -12.03
N ASP A 7 -12.81 -2.13 -13.16
CA ASP A 7 -11.98 -2.61 -14.25
C ASP A 7 -10.50 -2.27 -14.08
N THR A 8 -9.94 -2.71 -12.96
CA THR A 8 -8.53 -2.52 -12.64
C THR A 8 -8.06 -3.76 -11.88
N TRP A 9 -7.04 -4.44 -12.42
CA TRP A 9 -6.54 -5.66 -11.80
C TRP A 9 -5.10 -5.97 -12.19
N ALA A 10 -4.42 -6.73 -11.33
CA ALA A 10 -3.06 -7.14 -11.58
C ALA A 10 -3.13 -8.61 -11.96
N GLU A 11 -2.19 -9.06 -12.78
CA GLU A 11 -2.17 -10.46 -13.18
C GLU A 11 -0.85 -11.05 -12.74
N VAL A 12 -0.90 -12.27 -12.21
CA VAL A 12 0.31 -12.93 -11.75
C VAL A 12 0.48 -14.24 -12.50
N ASP A 13 1.54 -14.35 -13.28
CA ASP A 13 1.79 -15.57 -14.03
C ASP A 13 2.57 -16.55 -13.16
N LEU A 14 1.89 -17.58 -12.67
CA LEU A 14 2.55 -18.56 -11.80
C LEU A 14 3.49 -19.53 -12.53
N ASP A 15 3.34 -19.63 -13.85
CA ASP A 15 4.22 -20.51 -14.62
C ASP A 15 5.62 -19.91 -14.66
N ALA A 16 5.69 -18.58 -14.67
CA ALA A 16 6.95 -17.86 -14.69
C ALA A 16 7.67 -18.06 -13.36
N ILE A 17 6.91 -17.98 -12.27
CA ILE A 17 7.48 -18.17 -10.94
C ILE A 17 7.98 -19.60 -10.88
N TYR A 18 7.20 -20.53 -11.40
CA TYR A 18 7.60 -21.93 -11.40
C TYR A 18 8.91 -22.10 -12.16
N ASP A 19 8.99 -21.48 -13.33
CA ASP A 19 10.20 -21.58 -14.16
C ASP A 19 11.41 -20.94 -13.49
N ASN A 20 11.21 -19.80 -12.84
CA ASN A 20 12.31 -19.12 -12.18
C ASN A 20 12.91 -19.94 -11.04
N VAL A 21 12.06 -20.64 -10.29
CA VAL A 21 12.52 -21.47 -9.18
C VAL A 21 13.11 -22.79 -9.69
N GLU A 22 12.45 -23.41 -10.66
CA GLU A 22 12.95 -24.66 -11.20
C GLU A 22 14.36 -24.52 -11.79
N ASN A 23 14.60 -23.44 -12.53
CA ASN A 23 15.91 -23.23 -13.14
C ASN A 23 17.00 -23.13 -12.08
N LEU A 24 16.64 -22.63 -10.91
CA LEU A 24 17.59 -22.50 -9.81
C LEU A 24 17.88 -23.87 -9.19
N ARG A 25 16.83 -24.68 -9.06
CA ARG A 25 16.95 -26.02 -8.51
C ARG A 25 17.95 -26.78 -9.38
N ARG A 26 17.87 -26.58 -10.68
CA ARG A 26 18.78 -27.24 -11.60
C ARG A 26 20.18 -26.71 -11.40
N LEU A 27 20.29 -25.41 -11.16
CA LEU A 27 21.57 -24.76 -10.97
C LEU A 27 22.31 -25.17 -9.69
N LEU A 28 21.58 -25.38 -8.61
CA LEU A 28 22.19 -25.74 -7.33
C LEU A 28 22.46 -27.23 -7.11
N PRO A 29 23.44 -27.54 -6.26
CA PRO A 29 23.81 -28.93 -5.94
C PRO A 29 22.62 -29.63 -5.29
N ASP A 30 22.49 -30.92 -5.55
CA ASP A 30 21.40 -31.74 -5.02
C ASP A 30 21.14 -31.57 -3.53
N ASP A 31 22.20 -31.30 -2.77
CA ASP A 31 22.07 -31.17 -1.33
C ASP A 31 21.76 -29.76 -0.82
N THR A 32 21.69 -28.79 -1.72
CA THR A 32 21.38 -27.43 -1.27
C THR A 32 19.87 -27.14 -1.31
N HIS A 33 19.33 -26.73 -0.17
CA HIS A 33 17.90 -26.45 -0.06
C HIS A 33 17.56 -25.06 -0.59
N ILE A 34 16.30 -24.89 -1.00
CA ILE A 34 15.83 -23.61 -1.49
C ILE A 34 14.70 -23.13 -0.58
N MET A 35 14.93 -22.02 0.11
CA MET A 35 13.93 -21.44 0.99
C MET A 35 13.40 -20.23 0.23
N ALA A 36 12.15 -20.31 -0.21
CA ALA A 36 11.51 -19.22 -0.96
C ALA A 36 11.06 -18.12 0.00
N VAL A 37 11.43 -16.89 -0.32
CA VAL A 37 11.07 -15.75 0.51
C VAL A 37 9.74 -15.17 0.04
N VAL A 38 8.70 -15.32 0.85
CA VAL A 38 7.39 -14.84 0.48
C VAL A 38 6.81 -13.83 1.48
N LYS A 39 7.66 -12.99 2.05
CA LYS A 39 7.21 -11.98 3.00
C LYS A 39 6.53 -10.85 2.21
N ALA A 40 5.87 -9.93 2.92
CA ALA A 40 5.16 -8.82 2.28
C ALA A 40 4.21 -9.37 1.22
N ASN A 41 3.40 -10.35 1.62
CA ASN A 41 2.45 -11.00 0.72
C ASN A 41 3.15 -11.43 -0.58
N ALA A 42 4.31 -12.07 -0.44
CA ALA A 42 5.09 -12.53 -1.58
C ALA A 42 5.45 -11.35 -2.48
N TYR A 43 6.07 -10.33 -1.90
CA TYR A 43 6.47 -9.14 -2.65
C TYR A 43 5.30 -8.63 -3.51
N GLY A 44 4.11 -8.61 -2.91
CA GLY A 44 2.93 -8.14 -3.62
C GLY A 44 2.29 -9.08 -4.61
N HIS A 45 2.79 -10.32 -4.72
CA HIS A 45 2.25 -11.29 -5.67
C HIS A 45 1.22 -12.31 -5.14
N GLY A 46 0.99 -12.35 -3.83
CA GLY A 46 0.03 -13.30 -3.28
C GLY A 46 0.79 -14.40 -2.56
N ASP A 47 0.86 -14.30 -1.23
CA ASP A 47 1.61 -15.24 -0.40
C ASP A 47 1.40 -16.74 -0.58
N VAL A 48 0.17 -17.21 -0.44
CA VAL A 48 -0.10 -18.65 -0.55
C VAL A 48 -0.04 -19.21 -1.96
N GLN A 49 -0.34 -18.38 -2.96
CA GLN A 49 -0.30 -18.84 -4.33
C GLN A 49 1.17 -19.02 -4.79
N VAL A 50 2.03 -18.08 -4.44
CA VAL A 50 3.45 -18.18 -4.81
C VAL A 50 4.11 -19.30 -3.98
N ALA A 51 3.81 -19.35 -2.68
CA ALA A 51 4.37 -20.38 -1.81
C ALA A 51 4.10 -21.79 -2.38
N ARG A 52 2.85 -22.05 -2.71
CA ARG A 52 2.46 -23.35 -3.26
C ARG A 52 3.23 -23.68 -4.54
N THR A 53 3.33 -22.71 -5.44
CA THR A 53 4.03 -22.88 -6.70
C THR A 53 5.53 -23.14 -6.49
N ALA A 54 6.14 -22.34 -5.62
CA ALA A 54 7.56 -22.47 -5.31
C ALA A 54 7.87 -23.86 -4.77
N LEU A 55 7.06 -24.34 -3.82
CA LEU A 55 7.29 -25.66 -3.24
C LEU A 55 7.12 -26.73 -4.33
N GLU A 56 6.25 -26.44 -5.28
CA GLU A 56 5.99 -27.35 -6.39
C GLU A 56 7.19 -27.42 -7.31
N ALA A 57 7.86 -26.28 -7.48
CA ALA A 57 9.02 -26.19 -8.37
C ALA A 57 10.31 -26.71 -7.78
N GLY A 58 10.39 -26.89 -6.46
CA GLY A 58 11.62 -27.37 -5.89
C GLY A 58 12.03 -26.80 -4.54
N ALA A 59 11.38 -25.74 -4.09
CA ALA A 59 11.70 -25.16 -2.79
C ALA A 59 11.22 -26.15 -1.74
N SER A 60 11.74 -26.06 -0.53
CA SER A 60 11.34 -27.00 0.52
C SER A 60 10.94 -26.26 1.80
N ARG A 61 11.31 -24.99 1.87
CA ARG A 61 10.97 -24.20 3.05
C ARG A 61 10.59 -22.80 2.58
N LEU A 62 10.00 -22.02 3.48
CA LEU A 62 9.56 -20.67 3.20
C LEU A 62 10.08 -19.70 4.26
N ALA A 63 10.17 -18.43 3.91
CA ALA A 63 10.63 -17.42 4.86
C ALA A 63 9.71 -16.20 4.79
N VAL A 64 9.41 -15.62 5.94
CA VAL A 64 8.58 -14.42 6.02
C VAL A 64 9.27 -13.40 6.93
N ALA A 65 8.70 -12.21 7.05
CA ALA A 65 9.30 -11.15 7.85
C ALA A 65 8.99 -11.15 9.33
N PHE A 66 7.73 -11.38 9.70
CA PHE A 66 7.36 -11.40 11.11
C PHE A 66 6.30 -12.48 11.38
N LEU A 67 6.05 -12.78 12.65
CA LEU A 67 5.10 -13.84 13.00
C LEU A 67 3.74 -13.85 12.32
N ASP A 68 3.07 -12.70 12.29
CA ASP A 68 1.76 -12.65 11.65
C ASP A 68 1.72 -13.29 10.26
N GLU A 69 2.74 -13.03 9.46
CA GLU A 69 2.78 -13.56 8.10
C GLU A 69 2.91 -15.07 8.09
N ALA A 70 3.59 -15.63 9.08
CA ALA A 70 3.76 -17.07 9.13
C ALA A 70 2.43 -17.75 9.50
N LEU A 71 1.75 -17.20 10.49
CA LEU A 71 0.47 -17.78 10.94
C LEU A 71 -0.56 -17.75 9.81
N ALA A 72 -0.55 -16.68 9.01
CA ALA A 72 -1.50 -16.55 7.91
C ALA A 72 -1.31 -17.67 6.90
N LEU A 73 -0.05 -18.04 6.65
CA LEU A 73 0.23 -19.11 5.69
C LEU A 73 -0.27 -20.43 6.26
N ARG A 74 -0.11 -20.60 7.57
CA ARG A 74 -0.56 -21.82 8.24
C ARG A 74 -2.08 -21.90 8.11
N GLU A 75 -2.77 -20.83 8.47
CA GLU A 75 -4.22 -20.79 8.39
C GLU A 75 -4.65 -21.12 6.97
N LYS A 76 -3.91 -20.62 5.99
CA LYS A 76 -4.25 -20.87 4.61
C LYS A 76 -3.86 -22.26 4.13
N GLY A 77 -3.42 -23.10 5.06
CA GLY A 77 -3.09 -24.46 4.69
C GLY A 77 -1.67 -24.85 4.32
N ILE A 78 -0.70 -23.94 4.43
CA ILE A 78 0.67 -24.30 4.09
C ILE A 78 1.25 -25.12 5.22
N GLU A 79 1.81 -26.27 4.90
CA GLU A 79 2.37 -27.14 5.93
C GLU A 79 3.88 -27.19 5.99
N ALA A 80 4.55 -26.65 4.97
CA ALA A 80 6.01 -26.65 4.93
C ALA A 80 6.64 -25.87 6.08
N PRO A 81 7.94 -26.05 6.33
CA PRO A 81 8.62 -25.33 7.41
C PRO A 81 8.68 -23.86 7.05
N ILE A 82 8.57 -22.99 8.06
CA ILE A 82 8.60 -21.55 7.84
C ILE A 82 9.54 -20.87 8.83
N LEU A 83 10.40 -19.98 8.32
CA LEU A 83 11.30 -19.24 9.18
C LEU A 83 10.91 -17.75 9.21
N VAL A 84 10.89 -17.17 10.39
CA VAL A 84 10.58 -15.75 10.55
C VAL A 84 11.94 -15.07 10.54
N LEU A 85 12.19 -14.23 9.53
CA LEU A 85 13.48 -13.55 9.41
C LEU A 85 13.70 -12.38 10.35
N GLY A 86 12.61 -11.80 10.86
CA GLY A 86 12.76 -10.65 11.75
C GLY A 86 12.62 -10.97 13.23
N ALA A 87 12.45 -9.92 14.02
CA ALA A 87 12.31 -10.05 15.45
C ALA A 87 10.90 -10.54 15.80
N SER A 88 10.73 -10.98 17.05
CA SER A 88 9.46 -11.46 17.58
C SER A 88 9.47 -11.26 19.09
N ARG A 89 8.33 -11.44 19.75
CA ARG A 89 8.28 -11.26 21.20
C ARG A 89 8.53 -12.57 21.89
N PRO A 90 9.33 -12.57 22.98
CA PRO A 90 9.61 -13.79 23.73
C PRO A 90 8.32 -14.48 24.16
N ALA A 91 7.33 -13.67 24.52
CA ALA A 91 6.03 -14.17 24.96
C ALA A 91 5.33 -14.95 23.87
N ASP A 92 5.86 -14.90 22.64
CA ASP A 92 5.24 -15.59 21.52
C ASP A 92 5.94 -16.87 21.10
N ALA A 93 6.94 -17.30 21.88
CA ALA A 93 7.67 -18.53 21.56
C ALA A 93 6.79 -19.78 21.55
N ALA A 94 5.89 -19.89 22.51
CA ALA A 94 4.98 -21.03 22.61
C ALA A 94 4.11 -21.16 21.37
N LEU A 95 3.58 -20.02 20.91
CA LEU A 95 2.73 -19.97 19.73
C LEU A 95 3.51 -20.41 18.50
N ALA A 96 4.75 -19.93 18.36
CA ALA A 96 5.58 -20.31 17.22
C ALA A 96 5.87 -21.80 17.31
N ALA A 97 6.21 -22.25 18.52
CA ALA A 97 6.53 -23.65 18.76
C ALA A 97 5.37 -24.55 18.34
N GLN A 98 4.17 -24.17 18.76
CA GLN A 98 2.99 -24.95 18.43
C GLN A 98 2.66 -25.00 16.93
N GLN A 99 2.85 -23.89 16.23
CA GLN A 99 2.56 -23.83 14.80
C GLN A 99 3.74 -24.30 13.94
N ARG A 100 4.83 -24.68 14.60
CA ARG A 100 6.02 -25.16 13.89
C ARG A 100 6.66 -24.09 13.01
N ILE A 101 6.97 -22.97 13.64
CA ILE A 101 7.57 -21.83 12.96
C ILE A 101 8.95 -21.56 13.56
N ALA A 102 9.99 -21.63 12.73
CA ALA A 102 11.34 -21.36 13.22
C ALA A 102 11.50 -19.86 13.42
N LEU A 103 12.29 -19.47 14.42
CA LEU A 103 12.51 -18.06 14.72
C LEU A 103 13.97 -17.64 14.61
N THR A 104 14.19 -16.37 14.31
CA THR A 104 15.54 -15.85 14.24
C THR A 104 15.83 -15.33 15.64
N VAL A 105 17.07 -15.47 16.09
CA VAL A 105 17.47 -15.01 17.41
C VAL A 105 18.84 -14.34 17.28
N PHE A 106 19.07 -13.28 18.05
CA PHE A 106 20.34 -12.56 17.97
C PHE A 106 20.73 -11.85 19.26
N ARG A 107 19.98 -12.07 20.33
CA ARG A 107 20.24 -11.46 21.63
C ARG A 107 20.07 -12.50 22.72
N SER A 108 20.99 -12.52 23.67
CA SER A 108 20.91 -13.50 24.76
C SER A 108 19.84 -13.12 25.76
N ASP A 109 19.51 -11.83 25.85
CA ASP A 109 18.50 -11.41 26.80
C ASP A 109 17.10 -11.82 26.35
N TRP A 110 16.93 -12.00 25.05
CA TRP A 110 15.65 -12.41 24.52
C TRP A 110 15.42 -13.87 24.90
N LEU A 111 16.49 -14.66 24.84
CA LEU A 111 16.41 -16.08 25.16
C LEU A 111 16.22 -16.28 26.65
N GLU A 112 16.82 -15.40 27.44
CA GLU A 112 16.69 -15.49 28.89
C GLU A 112 15.23 -15.33 29.22
N GLU A 113 14.57 -14.39 28.55
CA GLU A 113 13.16 -14.11 28.75
C GLU A 113 12.24 -15.25 28.31
N ALA A 114 12.52 -15.81 27.14
CA ALA A 114 11.73 -16.91 26.61
C ALA A 114 11.86 -18.17 27.46
N SER A 115 13.05 -18.41 28.00
CA SER A 115 13.28 -19.60 28.81
C SER A 115 12.34 -19.59 30.01
N ALA A 116 12.19 -18.43 30.63
CA ALA A 116 11.33 -18.28 31.79
C ALA A 116 9.86 -18.41 31.45
N LEU A 117 9.51 -18.21 30.19
CA LEU A 117 8.12 -18.28 29.78
C LEU A 117 7.69 -19.59 29.15
N TYR A 118 8.58 -20.25 28.43
CA TYR A 118 8.26 -21.49 27.77
C TYR A 118 8.93 -22.71 28.40
N SER A 119 8.21 -23.83 28.42
CA SER A 119 8.74 -25.06 29.01
C SER A 119 8.19 -26.33 28.39
N GLY A 120 8.14 -26.39 27.06
CA GLY A 120 7.64 -27.59 26.40
C GLY A 120 6.15 -27.60 26.21
N PRO A 121 5.58 -28.68 25.65
CA PRO A 121 6.27 -29.88 25.19
C PRO A 121 6.83 -29.79 23.77
N PHE A 122 6.45 -28.75 23.05
CA PHE A 122 6.90 -28.60 21.68
C PHE A 122 8.27 -27.93 21.61
N PRO A 123 9.14 -28.40 20.71
CA PRO A 123 10.47 -27.79 20.59
C PRO A 123 10.42 -26.56 19.69
N ILE A 124 11.24 -25.56 20.02
CA ILE A 124 11.31 -24.33 19.24
C ILE A 124 12.63 -24.32 18.47
N HIS A 125 12.56 -24.24 17.14
CA HIS A 125 13.75 -24.24 16.32
C HIS A 125 14.22 -22.83 16.03
N PHE A 126 15.43 -22.52 16.49
CA PHE A 126 16.00 -21.20 16.29
C PHE A 126 17.06 -21.17 15.18
N HIS A 127 17.25 -19.99 14.62
CA HIS A 127 18.25 -19.75 13.59
C HIS A 127 19.02 -18.54 14.07
N LEU A 128 20.28 -18.75 14.43
CA LEU A 128 21.14 -17.69 14.92
C LEU A 128 21.60 -16.75 13.80
N MET A 130 23.87 -13.73 12.38
CA MET A 130 25.18 -13.13 12.57
C MET A 130 25.35 -11.90 11.67
N ASP A 131 25.71 -10.79 12.28
CA ASP A 131 25.91 -9.55 11.54
C ASP A 131 27.34 -9.55 11.04
N THR A 132 27.53 -9.63 9.74
CA THR A 132 28.86 -9.63 9.15
C THR A 132 29.18 -8.33 8.40
N GLY A 133 28.31 -7.34 8.53
CA GLY A 133 28.53 -6.07 7.86
C GLY A 133 27.30 -5.37 7.28
N MET A 134 26.12 -5.92 7.55
CA MET A 134 24.89 -5.32 7.05
C MET A 134 24.39 -4.25 8.04
N GLY A 135 24.74 -4.42 9.31
CA GLY A 135 24.36 -3.48 10.35
C GLY A 135 22.89 -3.52 10.77
N ARG A 136 22.14 -4.52 10.29
CA ARG A 136 20.72 -4.64 10.61
C ARG A 136 20.46 -5.46 11.88
N LEU A 137 20.41 -6.77 11.74
CA LEU A 137 20.19 -7.64 12.89
C LEU A 137 21.34 -8.62 12.99
N GLY A 138 21.46 -9.28 14.14
CA GLY A 138 22.50 -10.27 14.31
C GLY A 138 23.55 -10.02 15.37
N VAL A 139 24.16 -11.11 15.84
CA VAL A 139 25.19 -11.07 16.86
C VAL A 139 26.49 -10.52 16.28
N LYS A 140 27.30 -9.85 17.11
CA LYS A 140 28.55 -9.28 16.65
C LYS A 140 29.79 -9.82 17.34
N ASP A 141 29.69 -10.18 18.60
CA ASP A 141 30.85 -10.68 19.33
C ASP A 141 30.73 -12.13 19.77
N GLU A 142 31.88 -12.76 19.98
CA GLU A 142 31.95 -14.16 20.37
C GLU A 142 31.38 -14.44 21.76
N GLU A 143 31.53 -13.49 22.66
CA GLU A 143 31.04 -13.67 24.02
C GLU A 143 29.52 -13.83 24.01
N GLU A 144 28.85 -12.98 23.24
CA GLU A 144 27.40 -13.03 23.14
C GLU A 144 26.93 -14.28 22.41
N THR A 145 27.66 -14.67 21.37
CA THR A 145 27.36 -15.86 20.59
C THR A 145 27.36 -17.11 21.46
N LYS A 146 28.44 -17.30 22.21
CA LYS A 146 28.56 -18.45 23.09
C LYS A 146 27.47 -18.45 24.16
N ARG A 147 27.11 -17.28 24.66
CA ARG A 147 26.07 -17.18 25.67
C ARG A 147 24.75 -17.65 25.08
N ILE A 148 24.47 -17.28 23.83
CA ILE A 148 23.24 -17.68 23.17
C ILE A 148 23.18 -19.20 23.04
N VAL A 149 24.27 -19.80 22.57
CA VAL A 149 24.35 -21.24 22.39
C VAL A 149 24.16 -22.00 23.70
N ALA A 150 24.73 -21.46 24.77
CA ALA A 150 24.64 -22.06 26.10
C ALA A 150 23.19 -22.11 26.58
N LEU A 151 22.48 -20.99 26.47
CA LEU A 151 21.09 -20.91 26.88
C LEU A 151 20.22 -21.85 26.06
N ILE A 152 20.57 -22.00 24.79
CA ILE A 152 19.81 -22.88 23.90
C ILE A 152 20.07 -24.32 24.30
N GLU A 153 21.34 -24.66 24.45
CA GLU A 153 21.70 -26.01 24.84
C GLU A 153 21.05 -26.38 26.17
N ARG A 154 21.05 -25.45 27.10
CA ARG A 154 20.47 -25.67 28.42
C ARG A 154 18.99 -26.03 28.43
N HIS A 155 18.18 -25.32 27.65
CA HIS A 155 16.74 -25.60 27.60
C HIS A 155 16.47 -26.85 26.77
N PRO A 156 15.71 -27.80 27.35
CA PRO A 156 15.38 -29.05 26.69
C PRO A 156 14.51 -28.90 25.46
N HIS A 157 13.84 -27.76 25.31
CA HIS A 157 12.97 -27.56 24.16
C HIS A 157 13.48 -26.57 23.14
N PHE A 158 14.61 -25.92 23.44
CA PHE A 158 15.22 -24.97 22.53
C PHE A 158 16.19 -25.74 21.65
N VAL A 159 16.09 -25.58 20.34
CA VAL A 159 16.96 -26.28 19.39
C VAL A 159 17.57 -25.29 18.40
N LEU A 160 18.89 -25.32 18.24
CA LEU A 160 19.55 -24.43 17.29
C LEU A 160 19.58 -25.17 15.95
N GLU A 161 18.62 -24.85 15.10
CA GLU A 161 18.51 -25.52 13.80
C GLU A 161 19.41 -24.93 12.73
N GLY A 162 19.78 -23.67 12.89
CA GLY A 162 20.62 -23.08 11.87
C GLY A 162 21.23 -21.77 12.29
N LEU A 163 22.01 -21.21 11.38
CA LEU A 163 22.65 -19.94 11.63
C LEU A 163 22.98 -19.33 10.28
N TYR A 164 22.82 -18.02 10.20
CA TYR A 164 23.05 -17.35 8.93
C TYR A 164 23.44 -15.90 9.06
N THR A 165 23.69 -15.31 7.90
CA THR A 165 24.03 -13.91 7.81
C THR A 165 23.37 -13.39 6.53
N HIS A 166 23.48 -12.10 6.26
CA HIS A 166 22.88 -11.51 5.07
C HIS A 166 23.86 -10.51 4.49
N PHE A 167 23.94 -10.47 3.16
CA PHE A 167 24.84 -9.57 2.46
C PHE A 167 24.22 -8.21 2.10
N ALA A 168 25.03 -7.17 2.22
CA ALA A 168 24.58 -5.81 1.92
C ALA A 168 24.84 -5.39 0.50
N THR A 169 25.81 -6.02 -0.16
CA THR A 169 26.16 -5.64 -1.53
C THR A 169 26.37 -6.79 -2.52
N ALA A 170 25.67 -7.90 -2.34
CA ALA A 170 25.83 -9.03 -3.25
C ALA A 170 25.40 -8.70 -4.67
N ASP A 171 24.74 -7.56 -4.85
CA ASP A 171 24.26 -7.19 -6.17
C ASP A 171 25.10 -6.12 -6.87
N GLU A 172 26.29 -5.85 -6.35
CA GLU A 172 27.18 -4.87 -6.96
C GLU A 172 28.22 -5.65 -7.75
N VAL A 173 28.66 -5.13 -8.89
CA VAL A 173 29.64 -5.83 -9.69
C VAL A 173 30.93 -6.01 -8.92
N ASN A 174 31.33 -5.00 -8.16
CA ASN A 174 32.55 -5.10 -7.37
C ASN A 174 32.24 -5.96 -6.16
N THR A 175 33.06 -6.98 -5.91
CA THR A 175 32.83 -7.88 -4.77
C THR A 175 33.68 -7.64 -3.54
N ASP A 176 34.32 -6.47 -3.46
CA ASP A 176 35.16 -6.17 -2.31
C ASP A 176 34.47 -6.37 -0.97
N TYR A 177 33.35 -5.67 -0.76
CA TYR A 177 32.64 -5.79 0.52
C TYR A 177 32.02 -7.15 0.68
N PHE A 178 31.53 -7.71 -0.43
CA PHE A 178 30.92 -9.03 -0.41
C PHE A 178 31.92 -10.04 0.10
N SER A 179 33.16 -9.93 -0.39
CA SER A 179 34.22 -10.83 0.03
C SER A 179 34.56 -10.66 1.51
N TYR A 180 34.56 -9.42 1.96
CA TYR A 180 34.84 -9.13 3.37
C TYR A 180 33.79 -9.77 4.28
N GLN A 181 32.52 -9.66 3.89
CA GLN A 181 31.42 -10.24 4.67
C GLN A 181 31.51 -11.77 4.70
N TYR A 182 31.75 -12.36 3.53
CA TYR A 182 31.86 -13.81 3.43
C TYR A 182 32.99 -14.35 4.31
N THR A 183 34.12 -13.63 4.30
CA THR A 183 35.29 -14.01 5.10
C THR A 183 34.95 -13.88 6.57
N ARG A 184 34.30 -12.77 6.92
CA ARG A 184 33.90 -12.53 8.31
C ARG A 184 32.98 -13.66 8.77
N PHE A 185 32.07 -14.08 7.91
CA PHE A 185 31.13 -15.15 8.24
C PHE A 185 31.90 -16.42 8.60
N LEU A 186 32.83 -16.81 7.73
CA LEU A 186 33.62 -18.01 7.96
C LEU A 186 34.37 -17.99 9.28
N HIS A 187 34.81 -16.81 9.68
CA HIS A 187 35.54 -16.62 10.93
C HIS A 187 34.62 -16.70 12.14
N MET A 188 33.39 -16.21 11.97
CA MET A 188 32.45 -16.22 13.07
C MET A 188 31.89 -17.61 13.29
N LEU A 189 31.83 -18.40 12.23
CA LEU A 189 31.30 -19.75 12.35
C LEU A 189 32.16 -20.59 13.31
N GLU A 190 33.43 -20.24 13.42
CA GLU A 190 34.34 -20.97 14.31
C GLU A 190 33.93 -20.84 15.76
N TRP A 191 33.24 -19.73 16.08
CA TRP A 191 32.80 -19.47 17.46
C TRP A 191 31.76 -20.48 17.94
N LEU A 192 31.20 -21.26 17.01
CA LEU A 192 30.19 -22.24 17.37
C LEU A 192 30.84 -23.58 17.70
N PRO A 193 30.47 -24.17 18.85
CA PRO A 193 31.02 -25.46 19.30
C PRO A 193 30.66 -26.57 18.31
N SER A 194 29.58 -26.38 17.58
CA SER A 194 29.15 -27.36 16.59
C SER A 194 28.37 -26.66 15.50
N ARG A 195 28.60 -27.08 14.26
CA ARG A 195 27.92 -26.49 13.12
C ARG A 195 26.49 -26.99 13.05
N PRO A 196 25.51 -26.07 13.06
CA PRO A 196 24.11 -26.48 12.98
C PRO A 196 23.84 -27.15 11.64
N PRO A 197 22.76 -27.95 11.56
CA PRO A 197 22.40 -28.65 10.32
C PRO A 197 22.14 -27.73 9.15
N LEU A 198 21.81 -26.47 9.42
CA LEU A 198 21.53 -25.55 8.33
C LEU A 198 22.33 -24.25 8.40
N VAL A 199 23.26 -24.08 7.46
CA VAL A 199 24.07 -22.87 7.37
C VAL A 199 23.70 -22.17 6.05
N HIS A 200 23.25 -20.91 6.14
CA HIS A 200 22.87 -20.18 4.95
C HIS A 200 23.32 -18.71 4.97
N CYS A 201 23.46 -18.10 3.79
CA CYS A 201 23.88 -16.71 3.71
C CYS A 201 23.44 -16.02 2.42
N ALA A 202 23.22 -16.81 1.38
CA ALA A 202 22.88 -16.27 0.07
C ALA A 202 21.45 -15.82 -0.20
N ASN A 203 21.32 -14.69 -0.90
CA ASN A 203 20.04 -14.16 -1.32
C ASN A 203 20.02 -14.46 -2.82
N SER A 204 19.13 -13.83 -3.59
CA SER A 204 19.06 -14.07 -5.04
C SER A 204 20.36 -13.75 -5.79
N ALA A 205 20.93 -12.57 -5.55
CA ALA A 205 22.15 -12.19 -6.23
C ALA A 205 23.33 -13.12 -5.93
N ALA A 206 23.55 -13.38 -4.64
CA ALA A 206 24.64 -14.25 -4.21
C ALA A 206 24.52 -15.67 -4.78
N SER A 207 23.34 -16.27 -4.65
CA SER A 207 23.12 -17.64 -5.13
C SER A 207 23.17 -17.78 -6.65
N LEU A 208 22.77 -16.75 -7.36
CA LEU A 208 22.81 -16.81 -8.82
C LEU A 208 24.23 -16.57 -9.33
N ARG A 209 25.02 -15.81 -8.57
CA ARG A 209 26.40 -15.48 -8.95
C ARG A 209 27.44 -16.50 -8.49
N PHE A 210 27.36 -16.93 -7.24
CA PHE A 210 28.32 -17.90 -6.70
C PHE A 210 27.59 -19.08 -6.05
N PRO A 211 26.91 -19.90 -6.86
CA PRO A 211 26.15 -21.06 -6.39
C PRO A 211 26.97 -22.08 -5.60
N ASP A 212 28.28 -22.00 -5.70
CA ASP A 212 29.17 -22.92 -5.01
C ASP A 212 29.54 -22.42 -3.62
N ARG A 213 29.13 -21.19 -3.32
CA ARG A 213 29.41 -20.57 -2.03
C ARG A 213 28.13 -20.34 -1.23
N THR A 214 27.19 -21.26 -1.36
CA THR A 214 25.88 -21.14 -0.72
C THR A 214 25.64 -22.00 0.52
N PHE A 215 26.54 -22.96 0.77
CA PHE A 215 26.39 -23.86 1.90
C PHE A 215 25.20 -24.81 1.66
N ASN A 216 24.36 -25.06 2.67
CA ASN A 216 23.26 -26.00 2.46
C ASN A 216 21.86 -25.41 2.20
N MET A 217 21.74 -24.09 2.19
CA MET A 217 20.44 -23.49 1.93
C MET A 217 20.53 -22.02 1.49
N VAL A 218 19.79 -21.68 0.44
CA VAL A 218 19.76 -20.31 -0.07
C VAL A 218 18.35 -19.73 0.15
N ARG A 219 18.27 -18.41 0.30
CA ARG A 219 17.00 -17.72 0.50
C ARG A 219 16.69 -16.95 -0.78
N PHE A 220 15.85 -17.55 -1.62
CA PHE A 220 15.46 -17.01 -2.92
C PHE A 220 14.26 -16.05 -2.87
N GLY A 221 14.52 -14.78 -3.16
CA GLY A 221 13.48 -13.77 -3.15
C GLY A 221 13.14 -13.12 -4.49
N ILE A 222 13.66 -11.92 -4.68
CA ILE A 222 13.41 -11.12 -5.87
C ILE A 222 13.48 -11.85 -7.20
N ALA A 223 14.53 -12.65 -7.40
CA ALA A 223 14.69 -13.38 -8.66
C ALA A 223 13.56 -14.36 -8.92
N MET A 224 12.93 -14.86 -7.86
CA MET A 224 11.82 -15.81 -8.00
C MET A 224 10.65 -15.16 -8.74
N TYR A 225 10.51 -13.85 -8.57
CA TYR A 225 9.42 -13.10 -9.21
C TYR A 225 9.81 -12.61 -10.60
N GLY A 226 10.98 -13.04 -11.07
CA GLY A 226 11.44 -12.65 -12.40
C GLY A 226 12.07 -11.27 -12.49
N LEU A 227 12.49 -10.72 -11.36
CA LEU A 227 13.10 -9.40 -11.33
C LEU A 227 14.60 -9.47 -10.97
N ALA A 228 15.43 -8.70 -11.67
CA ALA A 228 16.86 -8.72 -11.42
C ALA A 228 17.24 -8.02 -10.12
N PRO A 229 18.09 -8.65 -9.29
CA PRO A 229 18.49 -8.00 -8.03
C PRO A 229 19.00 -6.57 -8.25
N SER A 230 19.55 -6.33 -9.44
CA SER A 230 20.06 -5.01 -9.81
C SER A 230 20.34 -4.95 -11.31
N PRO A 231 20.33 -3.74 -11.89
CA PRO A 231 20.60 -3.63 -13.32
C PRO A 231 22.05 -4.01 -13.61
N GLY A 232 22.91 -3.70 -12.65
CA GLY A 232 24.33 -4.01 -12.78
C GLY A 232 24.63 -5.47 -13.05
N ILE A 233 24.00 -6.38 -12.32
CA ILE A 233 24.26 -7.79 -12.54
C ILE A 233 23.36 -8.44 -13.56
N LYS A 234 22.45 -7.67 -14.15
CA LYS A 234 21.54 -8.22 -15.14
C LYS A 234 22.29 -9.09 -16.15
N PRO A 235 23.41 -8.59 -16.70
CA PRO A 235 24.19 -9.35 -17.67
C PRO A 235 25.01 -10.53 -17.12
N LEU A 236 25.03 -10.68 -15.80
CA LEU A 236 25.78 -11.77 -15.18
C LEU A 236 24.91 -12.96 -14.75
N LEU A 237 23.59 -12.83 -14.91
CA LEU A 237 22.65 -13.90 -14.53
C LEU A 237 22.81 -15.15 -15.38
N PRO A 238 22.76 -16.33 -14.74
CA PRO A 238 22.90 -17.65 -15.39
C PRO A 238 21.81 -18.03 -16.40
N TYR A 239 20.57 -17.65 -16.10
CA TYR A 239 19.46 -17.96 -17.01
C TYR A 239 18.51 -16.77 -17.08
N PRO A 240 17.72 -16.67 -18.16
CA PRO A 240 16.79 -15.55 -18.29
C PRO A 240 15.63 -15.67 -17.32
N LEU A 241 15.37 -14.59 -16.60
CA LEU A 241 14.27 -14.56 -15.62
C LEU A 241 12.96 -14.17 -16.29
N LYS A 242 11.87 -14.82 -15.90
CA LYS A 242 10.56 -14.50 -16.48
C LYS A 242 9.76 -13.60 -15.53
N GLU A 243 9.41 -12.40 -16.00
CA GLU A 243 8.65 -11.45 -15.17
C GLU A 243 7.25 -12.03 -14.99
N ALA A 244 6.74 -11.98 -13.76
CA ALA A 244 5.41 -12.55 -13.51
C ALA A 244 4.28 -11.56 -13.27
N PHE A 245 4.63 -10.32 -12.90
CA PHE A 245 3.64 -9.29 -12.59
C PHE A 245 3.30 -8.35 -13.73
N SER A 246 2.01 -8.07 -13.91
CA SER A 246 1.56 -7.13 -14.92
C SER A 246 0.32 -6.45 -14.32
N LEU A 247 0.03 -5.21 -14.74
CA LEU A 247 -1.08 -4.43 -14.20
C LEU A 247 -1.93 -3.82 -15.31
N HIS A 248 -3.26 -3.95 -15.20
CA HIS A 248 -4.16 -3.44 -16.23
C HIS A 248 -5.40 -2.73 -15.72
N SER A 249 -6.03 -1.98 -16.62
CA SER A 249 -7.26 -1.23 -16.33
C SER A 249 -8.01 -1.07 -17.65
N ARG A 250 -9.09 -0.28 -17.64
CA ARG A 250 -9.88 -0.04 -18.87
C ARG A 250 -10.39 1.39 -18.91
N LEU A 251 -10.62 1.91 -20.10
CA LEU A 251 -11.12 3.28 -20.23
C LEU A 251 -12.57 3.30 -19.72
N VAL A 252 -12.89 4.20 -18.79
CA VAL A 252 -14.27 4.29 -18.27
C VAL A 252 -14.93 5.57 -18.76
N HIS A 253 -14.17 6.40 -19.45
CA HIS A 253 -14.69 7.62 -20.04
C HIS A 253 -13.74 8.11 -21.12
N VAL A 254 -14.32 8.66 -22.17
CA VAL A 254 -13.58 9.19 -23.32
C VAL A 254 -14.24 10.50 -23.76
N LYS A 255 -13.44 11.53 -23.99
CA LYS A 255 -13.98 12.81 -24.42
C LYS A 255 -12.96 13.60 -25.20
N LYS A 256 -13.43 14.62 -25.92
CA LYS A 256 -12.55 15.49 -26.69
C LYS A 256 -12.49 16.86 -26.04
N LEU A 257 -11.29 17.39 -25.86
CA LEU A 257 -11.16 18.70 -25.25
C LEU A 257 -10.86 19.73 -26.33
N GLN A 258 -11.20 20.98 -26.06
CA GLN A 258 -10.94 22.07 -26.99
C GLN A 258 -9.71 22.79 -26.43
N PRO A 259 -8.88 23.35 -27.31
CA PRO A 259 -7.68 24.06 -26.86
C PRO A 259 -8.00 25.05 -25.74
N GLY A 260 -7.21 25.00 -24.66
CA GLY A 260 -7.45 25.89 -23.54
C GLY A 260 -8.16 25.23 -22.35
N GLU A 261 -8.77 24.07 -22.58
CA GLU A 261 -9.45 23.36 -21.50
C GLU A 261 -8.39 22.69 -20.62
N LYS A 262 -8.59 22.75 -19.30
CA LYS A 262 -7.65 22.18 -18.34
C LYS A 262 -8.05 20.82 -17.79
N VAL A 263 -7.06 20.08 -17.28
CA VAL A 263 -7.28 18.74 -16.72
C VAL A 263 -6.69 18.50 -15.33
N SER A 264 -7.49 17.88 -14.48
CA SER A 264 -7.10 17.52 -13.12
C SER A 264 -6.79 18.61 -12.11
N TYR A 265 -6.42 18.18 -10.91
CA TYR A 265 -6.13 19.09 -9.81
C TYR A 265 -5.10 20.15 -10.17
N GLY A 266 -5.28 21.33 -9.60
CA GLY A 266 -4.39 22.45 -9.85
C GLY A 266 -4.45 22.98 -11.26
N ALA A 267 -5.24 22.33 -12.12
CA ALA A 267 -5.38 22.73 -13.51
C ALA A 267 -4.00 22.98 -14.11
N THR A 268 -3.08 22.05 -13.85
CA THR A 268 -1.71 22.17 -14.33
C THR A 268 -1.52 21.76 -15.79
N TYR A 269 -2.52 21.11 -16.39
CA TYR A 269 -2.40 20.69 -17.79
C TYR A 269 -3.44 21.40 -18.67
N THR A 270 -3.00 21.89 -19.82
CA THR A 270 -3.88 22.60 -20.76
C THR A 270 -3.87 21.94 -22.12
N ALA A 271 -5.05 21.76 -22.72
CA ALA A 271 -5.11 21.16 -24.05
C ALA A 271 -4.61 22.22 -25.02
N GLN A 272 -3.54 21.90 -25.75
CA GLN A 272 -2.97 22.85 -26.71
C GLN A 272 -3.80 22.84 -27.98
N THR A 273 -4.44 21.70 -28.25
CA THR A 273 -5.28 21.56 -29.43
C THR A 273 -6.43 20.60 -29.13
N GLU A 274 -7.23 20.29 -30.15
CA GLU A 274 -8.35 19.37 -30.00
C GLU A 274 -7.79 17.98 -29.79
N GLU A 275 -7.85 17.49 -28.56
CA GLU A 275 -7.33 16.17 -28.29
C GLU A 275 -8.29 15.29 -27.52
N TRP A 276 -8.09 13.97 -27.64
CA TRP A 276 -8.91 12.99 -26.97
C TRP A 276 -8.31 12.60 -25.61
N ILE A 277 -9.11 12.73 -24.55
CA ILE A 277 -8.68 12.41 -23.20
C ILE A 277 -9.46 11.22 -22.65
N GLY A 278 -8.73 10.27 -22.08
CA GLY A 278 -9.35 9.08 -21.52
C GLY A 278 -9.19 9.03 -20.01
N THR A 279 -10.16 8.43 -19.31
CA THR A 279 -10.08 8.31 -17.85
C THR A 279 -10.02 6.84 -17.45
N ILE A 280 -9.11 6.50 -16.55
CA ILE A 280 -8.97 5.12 -16.11
C ILE A 280 -9.16 5.05 -14.60
N PRO A 281 -9.76 3.95 -14.12
CA PRO A 281 -10.01 3.75 -12.69
C PRO A 281 -8.83 3.26 -11.82
N ILE A 282 -7.76 4.05 -11.76
CA ILE A 282 -6.61 3.71 -10.93
C ILE A 282 -5.92 5.01 -10.51
N GLY A 283 -5.49 5.07 -9.25
CA GLY A 283 -4.81 6.26 -8.75
C GLY A 283 -3.78 5.93 -7.69
N TYR A 284 -3.36 6.93 -6.92
CA TYR A 284 -2.35 6.69 -5.92
C TYR A 284 -2.75 5.83 -4.71
N ALA A 285 -4.04 5.63 -4.47
CA ALA A 285 -4.49 4.79 -3.36
C ALA A 285 -4.36 3.32 -3.77
N ASP A 286 -4.07 3.11 -5.05
CA ASP A 286 -3.87 1.78 -5.61
C ASP A 286 -2.39 1.50 -5.77
N GLY A 287 -1.56 2.49 -5.41
CA GLY A 287 -0.13 2.34 -5.52
C GLY A 287 0.46 3.04 -6.74
N TRP A 288 -0.40 3.64 -7.55
CA TRP A 288 0.06 4.37 -8.73
C TRP A 288 0.32 5.80 -8.24
N LEU A 289 1.45 5.97 -7.55
CA LEU A 289 1.83 7.25 -6.95
C LEU A 289 1.84 8.46 -7.87
N ARG A 290 1.49 9.60 -7.29
CA ARG A 290 1.42 10.87 -7.99
C ARG A 290 2.69 11.16 -8.78
N ARG A 291 3.84 10.77 -8.23
CA ARG A 291 5.12 10.98 -8.88
C ARG A 291 5.21 10.39 -10.29
N LEU A 292 4.27 9.53 -10.66
CA LEU A 292 4.28 8.93 -11.99
C LEU A 292 3.58 9.84 -13.01
N GLN A 293 3.29 11.05 -12.58
CA GLN A 293 2.58 12.05 -13.38
C GLN A 293 3.04 12.26 -14.82
N HIS A 294 4.35 12.16 -15.06
CA HIS A 294 4.85 12.37 -16.42
C HIS A 294 5.19 11.08 -17.12
N PHE A 295 4.73 9.96 -16.57
CA PHE A 295 4.97 8.65 -17.17
C PHE A 295 3.94 8.43 -18.26
N HIS A 296 3.87 7.22 -18.78
CA HIS A 296 2.92 6.90 -19.83
C HIS A 296 2.37 5.50 -19.61
N VAL A 297 1.38 5.12 -20.41
CA VAL A 297 0.78 3.79 -20.32
C VAL A 297 0.58 3.27 -21.73
N LEU A 298 0.15 2.02 -21.85
CA LEU A 298 -0.06 1.42 -23.16
C LEU A 298 -1.54 1.25 -23.44
N VAL A 299 -1.95 1.64 -24.65
CA VAL A 299 -3.34 1.52 -25.06
C VAL A 299 -3.35 1.30 -26.56
N ASP A 300 -4.02 0.24 -26.97
CA ASP A 300 -4.12 -0.11 -28.37
C ASP A 300 -2.72 -0.28 -28.95
N GLY A 301 -1.80 -0.81 -28.15
CA GLY A 301 -0.45 -1.03 -28.61
C GLY A 301 0.41 0.22 -28.75
N GLN A 302 -0.04 1.34 -28.19
CA GLN A 302 0.73 2.56 -28.29
C GLN A 302 0.87 3.24 -26.95
N LYS A 303 1.95 4.00 -26.79
CA LYS A 303 2.20 4.73 -25.57
C LYS A 303 1.27 5.93 -25.51
N ALA A 304 0.71 6.17 -24.33
CA ALA A 304 -0.19 7.31 -24.13
C ALA A 304 0.25 8.02 -22.86
N PRO A 305 0.64 9.29 -22.97
CA PRO A 305 1.08 10.02 -21.78
C PRO A 305 -0.03 10.35 -20.80
N ILE A 306 0.29 10.25 -19.51
CA ILE A 306 -0.64 10.58 -18.46
C ILE A 306 -0.61 12.10 -18.49
N VAL A 307 -1.75 12.74 -18.35
CA VAL A 307 -1.79 14.22 -18.35
C VAL A 307 -2.40 14.74 -17.05
N GLY A 308 -1.82 15.83 -16.52
CA GLY A 308 -2.32 16.40 -15.29
C GLY A 308 -1.93 15.55 -14.09
N ARG A 309 -2.31 15.98 -12.89
CA ARG A 309 -2.00 15.24 -11.66
C ARG A 309 -2.78 13.93 -11.57
N ILE A 310 -2.18 12.95 -10.91
CA ILE A 310 -2.83 11.67 -10.70
C ILE A 310 -3.72 11.86 -9.46
N CYS A 311 -4.92 11.29 -9.50
CA CYS A 311 -5.87 11.41 -8.40
C CYS A 311 -5.83 10.14 -7.55
N MET A 312 -6.53 10.16 -6.42
CA MET A 312 -6.53 9.02 -5.53
C MET A 312 -7.03 7.73 -6.16
N ASP A 313 -8.02 7.83 -7.04
CA ASP A 313 -8.57 6.63 -7.66
C ASP A 313 -8.65 6.67 -9.18
N GLN A 314 -8.24 7.78 -9.78
CA GLN A 314 -8.29 7.85 -11.24
C GLN A 314 -7.21 8.77 -11.80
N CYS A 315 -6.96 8.64 -13.10
CA CYS A 315 -6.00 9.52 -13.76
C CYS A 315 -6.38 9.61 -15.22
N MET A 316 -5.91 10.64 -15.91
CA MET A 316 -6.23 10.83 -17.31
C MET A 316 -5.02 10.68 -18.22
N ILE A 317 -5.26 10.19 -19.43
CA ILE A 317 -4.22 9.98 -20.42
C ILE A 317 -4.63 10.57 -21.77
N ARG A 318 -3.65 10.98 -22.59
CA ARG A 318 -3.97 11.50 -23.91
C ARG A 318 -4.00 10.33 -24.89
N LEU A 319 -5.11 10.19 -25.61
CA LEU A 319 -5.31 9.09 -26.56
C LEU A 319 -4.96 9.42 -28.02
N PRO A 320 -4.59 8.39 -28.80
CA PRO A 320 -4.23 8.58 -30.21
C PRO A 320 -5.40 9.18 -30.96
N GLY A 321 -6.61 8.82 -30.54
CA GLY A 321 -7.82 9.32 -31.16
C GLY A 321 -9.00 8.82 -30.35
N PRO A 322 -10.21 8.78 -30.93
CA PRO A 322 -11.38 8.30 -30.18
C PRO A 322 -11.38 6.78 -30.03
N LEU A 323 -11.21 6.29 -28.81
CA LEU A 323 -11.23 4.85 -28.58
C LEU A 323 -12.50 4.53 -27.82
N PRO A 324 -13.05 3.31 -27.99
CA PRO A 324 -14.28 2.99 -27.27
C PRO A 324 -14.03 2.83 -25.79
N VAL A 325 -15.02 3.20 -24.99
CA VAL A 325 -14.91 3.04 -23.55
C VAL A 325 -14.74 1.52 -23.43
N GLY A 326 -14.05 1.06 -22.38
CA GLY A 326 -13.85 -0.36 -22.19
C GLY A 326 -12.55 -0.85 -22.81
N THR A 327 -11.88 0.03 -23.55
CA THR A 327 -10.62 -0.33 -24.17
C THR A 327 -9.58 -0.58 -23.08
N LYS A 328 -8.86 -1.69 -23.22
CA LYS A 328 -7.85 -2.09 -22.25
C LYS A 328 -6.59 -1.24 -22.26
N VAL A 329 -6.13 -0.91 -21.07
CA VAL A 329 -4.93 -0.11 -20.89
C VAL A 329 -3.99 -0.97 -20.04
N THR A 330 -2.70 -0.98 -20.38
CA THR A 330 -1.74 -1.75 -19.62
C THR A 330 -0.76 -0.77 -18.97
N LEU A 331 -0.64 -0.85 -17.65
CA LEU A 331 0.25 0.04 -16.91
C LEU A 331 1.63 -0.62 -16.75
N ILE A 332 1.63 -1.94 -16.58
CA ILE A 332 2.86 -2.72 -16.46
C ILE A 332 2.59 -4.00 -17.23
N GLY A 333 3.35 -4.21 -18.30
CA GLY A 333 3.14 -5.40 -19.08
C GLY A 333 3.41 -5.07 -20.54
N ARG A 334 2.88 -5.87 -21.45
CA ARG A 334 3.13 -5.60 -22.84
C ARG A 334 1.88 -5.60 -23.69
N GLN A 335 1.92 -4.84 -24.77
CA GLN A 335 0.80 -4.73 -25.70
C GLN A 335 1.43 -4.65 -27.08
N GLY A 336 1.14 -5.62 -27.93
CA GLY A 336 1.70 -5.61 -29.26
C GLY A 336 3.21 -5.65 -29.22
N ASP A 337 3.84 -4.61 -29.74
CA ASP A 337 5.30 -4.55 -29.76
C ASP A 337 5.87 -3.71 -28.63
N GLU A 338 4.99 -3.10 -27.84
CA GLU A 338 5.43 -2.26 -26.73
C GLU A 338 5.35 -3.01 -25.41
N VAL A 339 6.23 -2.63 -24.48
CA VAL A 339 6.24 -3.24 -23.15
C VAL A 339 6.72 -2.24 -22.10
N ILE A 340 6.15 -2.32 -20.90
CA ILE A 340 6.51 -1.48 -19.76
C ILE A 340 6.83 -2.45 -18.62
N SER A 341 8.08 -2.47 -18.18
CA SER A 341 8.49 -3.39 -17.13
C SER A 341 8.51 -2.69 -15.80
N ILE A 342 8.61 -3.48 -14.74
CA ILE A 342 8.62 -2.93 -13.40
C ILE A 342 9.86 -2.05 -13.27
N ASP A 343 10.91 -2.41 -13.99
CA ASP A 343 12.16 -1.64 -13.95
C ASP A 343 11.95 -0.23 -14.52
N ASP A 344 11.12 -0.12 -15.57
CA ASP A 344 10.82 1.17 -16.18
C ASP A 344 10.13 2.06 -15.14
N VAL A 345 9.09 1.52 -14.50
CA VAL A 345 8.36 2.25 -13.50
C VAL A 345 9.27 2.61 -12.33
N ALA A 346 10.12 1.66 -11.95
CA ALA A 346 11.05 1.89 -10.85
C ALA A 346 11.98 3.06 -11.16
N ARG A 347 12.40 3.15 -12.43
CA ARG A 347 13.29 4.23 -12.84
C ARG A 347 12.61 5.57 -12.67
N HIS A 348 11.37 5.66 -13.14
CA HIS A 348 10.61 6.90 -13.06
C HIS A 348 10.34 7.35 -11.63
N LEU A 349 10.05 6.38 -10.77
CA LEU A 349 9.77 6.68 -9.37
C LEU A 349 11.10 6.88 -8.61
N GLU A 350 12.21 6.62 -9.29
CA GLU A 350 13.55 6.75 -8.71
C GLU A 350 13.71 5.87 -7.47
N THR A 351 13.44 4.58 -7.65
CA THR A 351 13.55 3.60 -6.58
C THR A 351 13.95 2.28 -7.20
N ILE A 352 13.90 1.19 -6.42
CA ILE A 352 14.28 -0.11 -6.97
C ILE A 352 13.04 -0.94 -7.28
N ASN A 353 13.19 -1.94 -8.14
CA ASN A 353 12.04 -2.75 -8.52
C ASN A 353 11.33 -3.42 -7.35
N TYR A 354 12.06 -3.75 -6.28
CA TYR A 354 11.47 -4.38 -5.11
C TYR A 354 10.25 -3.60 -4.60
N GLU A 355 10.41 -2.29 -4.49
CA GLU A 355 9.37 -1.42 -3.97
C GLU A 355 8.09 -1.30 -4.77
N VAL A 356 8.14 -1.56 -6.07
CA VAL A 356 6.95 -1.38 -6.91
C VAL A 356 5.79 -2.37 -6.70
N PRO A 357 6.05 -3.68 -6.79
CA PRO A 357 4.92 -4.61 -6.58
C PRO A 357 4.32 -4.53 -5.18
N CYS A 358 5.13 -4.18 -4.19
CA CYS A 358 4.69 -4.08 -2.81
C CYS A 358 3.77 -2.90 -2.57
N THR A 359 3.94 -1.86 -3.37
CA THR A 359 3.13 -0.66 -3.22
C THR A 359 1.77 -0.75 -3.90
N ILE A 360 1.64 -1.67 -4.86
CA ILE A 360 0.35 -1.87 -5.51
C ILE A 360 -0.48 -2.42 -4.36
N SER A 361 -1.39 -1.60 -3.87
CA SER A 361 -2.21 -1.92 -2.70
C SER A 361 -3.22 -3.06 -2.70
N TYR A 362 -3.79 -3.28 -1.51
CA TYR A 362 -4.79 -4.32 -1.26
C TYR A 362 -6.04 -4.09 -2.12
N ARG A 363 -6.22 -2.85 -2.59
CA ARG A 363 -7.37 -2.46 -3.40
C ARG A 363 -7.41 -3.13 -4.76
N VAL A 364 -6.24 -3.49 -5.26
CA VAL A 364 -6.16 -4.11 -6.58
C VAL A 364 -6.18 -5.63 -6.52
N PRO A 365 -7.20 -6.25 -7.12
CA PRO A 365 -7.31 -7.71 -7.13
C PRO A 365 -6.18 -8.38 -7.92
N ARG A 366 -5.82 -9.59 -7.51
CA ARG A 366 -4.78 -10.35 -8.20
C ARG A 366 -5.41 -11.56 -8.89
N ILE A 367 -5.22 -11.65 -10.20
CA ILE A 367 -5.73 -12.76 -11.00
C ILE A 367 -4.54 -13.68 -11.24
N PHE A 368 -4.68 -14.96 -10.93
CA PHE A 368 -3.60 -15.91 -11.08
C PHE A 368 -3.73 -16.82 -12.28
N PHE A 369 -2.62 -17.02 -12.98
CA PHE A 369 -2.57 -17.88 -14.17
C PHE A 369 -1.62 -19.03 -13.90
N ARG A 370 -1.98 -20.19 -14.44
CA ARG A 370 -1.17 -21.39 -14.32
C ARG A 370 -1.59 -22.30 -15.47
N HIS A 371 -0.61 -22.78 -16.22
CA HIS A 371 -0.86 -23.65 -17.36
C HIS A 371 -1.64 -22.91 -18.42
N LYS A 372 -1.37 -21.61 -18.53
CA LYS A 372 -2.00 -20.74 -19.51
C LYS A 372 -3.48 -20.51 -19.24
N ARG A 373 -3.95 -20.90 -18.07
CA ARG A 373 -5.36 -20.69 -17.75
C ARG A 373 -5.52 -19.97 -16.42
N ILE A 374 -6.62 -19.22 -16.27
CA ILE A 374 -6.87 -18.50 -15.04
C ILE A 374 -7.13 -19.52 -13.94
N MET A 375 -6.40 -19.39 -12.85
CA MET A 375 -6.53 -20.30 -11.72
C MET A 375 -7.52 -19.80 -10.70
N GLU A 376 -7.22 -18.64 -10.11
CA GLU A 376 -8.12 -18.07 -9.12
C GLU A 376 -8.01 -16.54 -9.09
N VAL A 377 -8.97 -15.91 -8.44
CA VAL A 377 -8.97 -14.46 -8.31
C VAL A 377 -8.91 -14.14 -6.84
N ARG A 378 -8.05 -13.20 -6.48
CA ARG A 378 -7.88 -12.81 -5.08
C ARG A 378 -8.20 -11.33 -4.87
N ASN A 379 -9.39 -11.04 -4.35
CA ASN A 379 -9.79 -9.66 -4.08
C ASN A 379 -9.76 -9.43 -2.58
N ALA A 380 -8.74 -8.69 -2.13
CA ALA A 380 -8.59 -8.39 -0.71
C ALA A 380 -9.88 -7.88 -0.06
N ILE A 381 -10.51 -6.89 -0.67
CA ILE A 381 -11.74 -6.34 -0.13
C ILE A 381 -12.98 -6.98 -0.73
N GLY A 382 -12.82 -8.20 -1.24
CA GLY A 382 -13.92 -8.92 -1.84
C GLY A 382 -14.99 -9.26 -0.82
N ARG A 383 -16.18 -9.57 -1.31
CA ARG A 383 -17.31 -9.91 -0.44
C ARG A 383 -17.10 -11.24 0.30
N ASN B 2 -9.07 -8.80 17.44
CA ASN B 2 -7.84 -8.86 16.60
C ASN B 2 -6.58 -8.56 17.42
N ASP B 3 -5.50 -9.29 17.14
CA ASP B 3 -4.24 -9.09 17.85
C ASP B 3 -3.12 -9.12 16.82
N PHE B 4 -1.97 -8.53 17.16
CA PHE B 4 -0.85 -8.51 16.23
C PHE B 4 0.42 -8.93 16.94
N HIS B 5 1.38 -9.43 16.16
CA HIS B 5 2.64 -9.92 16.72
C HIS B 5 3.92 -9.23 16.26
N ARG B 6 3.82 -7.95 15.93
CA ARG B 6 4.97 -7.16 15.53
C ARG B 6 4.75 -5.80 16.17
N ASP B 7 5.80 -5.28 16.80
CA ASP B 7 5.74 -3.99 17.47
C ASP B 7 5.73 -2.80 16.52
N THR B 8 4.76 -2.78 15.60
CA THR B 8 4.59 -1.66 14.67
C THR B 8 3.07 -1.51 14.49
N TRP B 9 2.55 -0.31 14.69
CA TRP B 9 1.12 -0.08 14.58
C TRP B 9 0.74 1.38 14.42
N ALA B 10 -0.41 1.61 13.79
CA ALA B 10 -0.93 2.97 13.60
C ALA B 10 -2.02 3.16 14.64
N GLU B 11 -2.24 4.40 15.05
CA GLU B 11 -3.29 4.69 16.01
C GLU B 11 -4.24 5.72 15.39
N VAL B 12 -5.54 5.46 15.49
CA VAL B 12 -6.53 6.37 14.94
C VAL B 12 -7.42 6.95 16.03
N ASP B 13 -7.33 8.25 16.23
CA ASP B 13 -8.13 8.93 17.23
C ASP B 13 -9.48 9.27 16.63
N LEU B 14 -10.50 8.49 16.97
CA LEU B 14 -11.84 8.70 16.44
C LEU B 14 -12.53 9.91 17.07
N ASP B 15 -12.05 10.36 18.22
CA ASP B 15 -12.65 11.54 18.86
C ASP B 15 -12.29 12.78 18.03
N ALA B 16 -11.12 12.75 17.39
CA ALA B 16 -10.67 13.87 16.55
C ALA B 16 -11.53 13.91 15.30
N ILE B 17 -11.81 12.73 14.75
CA ILE B 17 -12.65 12.63 13.57
C ILE B 17 -14.06 13.14 13.89
N TYR B 18 -14.56 12.76 15.07
CA TYR B 18 -15.88 13.18 15.53
C TYR B 18 -15.95 14.71 15.66
N ASP B 19 -14.93 15.31 16.29
CA ASP B 19 -14.89 16.75 16.47
C ASP B 19 -14.78 17.49 15.13
N ASN B 20 -13.99 16.95 14.21
CA ASN B 20 -13.81 17.57 12.90
C ASN B 20 -15.12 17.64 12.12
N VAL B 21 -15.93 16.59 12.23
CA VAL B 21 -17.22 16.53 11.53
C VAL B 21 -18.26 17.37 12.27
N GLU B 22 -18.32 17.23 13.60
CA GLU B 22 -19.28 17.97 14.41
C GLU B 22 -19.13 19.50 14.26
N ASN B 23 -17.89 19.98 14.17
CA ASN B 23 -17.66 21.41 14.02
C ASN B 23 -18.20 21.91 12.68
N LEU B 24 -18.22 21.03 11.67
CA LEU B 24 -18.72 21.37 10.35
C LEU B 24 -20.24 21.39 10.42
N ARG B 25 -20.80 20.42 11.14
CA ARG B 25 -22.25 20.31 11.30
C ARG B 25 -22.80 21.61 11.90
N ARG B 26 -22.05 22.18 12.83
CA ARG B 26 -22.44 23.44 13.46
C ARG B 26 -22.30 24.59 12.45
N LEU B 27 -21.26 24.51 11.62
CA LEU B 27 -20.98 25.54 10.62
C LEU B 27 -22.01 25.61 9.48
N LEU B 28 -22.51 24.46 9.05
CA LEU B 28 -23.47 24.42 7.94
C LEU B 28 -24.93 24.67 8.35
N PRO B 29 -25.76 25.07 7.37
CA PRO B 29 -27.18 25.33 7.60
C PRO B 29 -27.91 24.02 7.95
N ASP B 30 -28.94 24.12 8.79
CA ASP B 30 -29.70 22.96 9.23
C ASP B 30 -30.20 22.06 8.11
N ASP B 31 -30.33 22.60 6.91
CA ASP B 31 -30.82 21.83 5.78
C ASP B 31 -29.74 21.16 4.93
N THR B 32 -28.48 21.52 5.18
CA THR B 32 -27.39 20.95 4.40
C THR B 32 -26.86 19.61 4.90
N HIS B 33 -26.90 18.61 4.04
CA HIS B 33 -26.42 17.28 4.39
C HIS B 33 -24.91 17.21 4.35
N ILE B 34 -24.34 16.29 5.12
CA ILE B 34 -22.91 16.08 5.12
C ILE B 34 -22.69 14.66 4.65
N MET B 35 -21.96 14.51 3.55
CA MET B 35 -21.67 13.20 3.00
C MET B 35 -20.21 12.94 3.31
N ALA B 36 -19.94 11.98 4.20
CA ALA B 36 -18.56 11.67 4.57
C ALA B 36 -17.88 10.80 3.50
N VAL B 37 -16.72 11.24 3.02
CA VAL B 37 -15.98 10.51 2.01
C VAL B 37 -15.02 9.52 2.67
N VAL B 38 -15.34 8.23 2.55
CA VAL B 38 -14.56 7.17 3.17
C VAL B 38 -14.00 6.14 2.19
N LYS B 39 -13.68 6.57 0.97
CA LYS B 39 -13.11 5.66 -0.02
C LYS B 39 -11.65 5.37 0.35
N ALA B 40 -11.04 4.40 -0.29
CA ALA B 40 -9.66 4.03 0.03
C ALA B 40 -9.50 3.72 1.51
N ASN B 41 -10.39 2.88 2.03
CA ASN B 41 -10.38 2.48 3.45
C ASN B 41 -10.34 3.72 4.34
N ALA B 42 -11.12 4.73 3.98
CA ALA B 42 -11.18 5.98 4.73
C ALA B 42 -9.80 6.64 4.76
N TYR B 43 -9.24 6.85 3.57
CA TYR B 43 -7.93 7.47 3.43
C TYR B 43 -6.94 6.79 4.38
N GLY B 44 -7.04 5.47 4.43
CA GLY B 44 -6.15 4.67 5.27
C GLY B 44 -6.42 4.65 6.77
N HIS B 45 -7.55 5.18 7.22
CA HIS B 45 -7.86 5.21 8.65
C HIS B 45 -8.79 4.09 9.13
N GLY B 46 -9.42 3.35 8.22
CA GLY B 46 -10.34 2.28 8.59
C GLY B 46 -11.75 2.68 8.18
N ASP B 47 -12.26 2.07 7.11
CA ASP B 47 -13.57 2.44 6.57
C ASP B 47 -14.78 2.43 7.50
N VAL B 48 -15.12 1.28 8.06
CA VAL B 48 -16.29 1.18 8.92
C VAL B 48 -16.18 1.94 10.24
N GLN B 49 -14.97 2.10 10.76
CA GLN B 49 -14.79 2.82 12.02
C GLN B 49 -15.01 4.31 11.82
N VAL B 50 -14.49 4.87 10.74
CA VAL B 50 -14.67 6.29 10.49
C VAL B 50 -16.12 6.56 10.03
N ALA B 51 -16.67 5.67 9.22
CA ALA B 51 -18.05 5.83 8.76
C ALA B 51 -19.03 5.92 9.93
N ARG B 52 -18.89 5.02 10.90
CA ARG B 52 -19.76 5.02 12.09
C ARG B 52 -19.62 6.30 12.89
N THR B 53 -18.39 6.71 13.13
CA THR B 53 -18.11 7.91 13.91
C THR B 53 -18.64 9.14 13.20
N ALA B 54 -18.49 9.16 11.87
CA ALA B 54 -18.95 10.28 11.07
C ALA B 54 -20.47 10.43 11.19
N LEU B 55 -21.17 9.31 11.02
CA LEU B 55 -22.64 9.32 11.09
C LEU B 55 -23.09 9.75 12.48
N GLU B 56 -22.33 9.33 13.48
CA GLU B 56 -22.61 9.68 14.85
C GLU B 56 -22.47 11.19 15.08
N ALA B 57 -21.50 11.80 14.40
CA ALA B 57 -21.23 13.24 14.54
C ALA B 57 -22.11 14.19 13.71
N GLY B 58 -22.87 13.66 12.76
CA GLY B 58 -23.72 14.54 11.97
C GLY B 58 -23.83 14.28 10.48
N ALA B 59 -23.00 13.38 9.97
CA ALA B 59 -23.06 13.06 8.54
C ALA B 59 -24.30 12.20 8.41
N SER B 60 -24.88 12.14 7.21
CA SER B 60 -26.07 11.34 6.98
C SER B 60 -25.89 10.38 5.82
N ARG B 61 -24.83 10.61 5.05
CA ARG B 61 -24.57 9.74 3.91
C ARG B 61 -23.08 9.49 3.78
N LEU B 62 -22.72 8.51 2.97
CA LEU B 62 -21.32 8.14 2.76
C LEU B 62 -20.98 8.05 1.27
N ALA B 63 -19.70 8.21 0.95
CA ALA B 63 -19.24 8.15 -0.42
C ALA B 63 -18.00 7.28 -0.53
N VAL B 64 -17.94 6.45 -1.57
CA VAL B 64 -16.80 5.58 -1.82
C VAL B 64 -16.39 5.71 -3.29
N ALA B 65 -15.23 5.15 -3.67
CA ALA B 65 -14.73 5.28 -5.03
C ALA B 65 -15.33 4.34 -6.07
N PHE B 66 -15.51 3.07 -5.69
CA PHE B 66 -16.08 2.08 -6.60
C PHE B 66 -16.94 1.07 -5.84
N LEU B 67 -17.78 0.35 -6.59
CA LEU B 67 -18.70 -0.64 -6.00
C LEU B 67 -18.16 -1.53 -4.87
N ASP B 68 -17.01 -2.17 -5.07
CA ASP B 68 -16.45 -3.06 -4.05
C ASP B 68 -16.36 -2.43 -2.69
N GLU B 69 -15.99 -1.16 -2.65
CA GLU B 69 -15.85 -0.47 -1.36
C GLU B 69 -17.20 -0.27 -0.67
N ALA B 70 -18.26 -0.09 -1.45
CA ALA B 70 -19.59 0.10 -0.90
C ALA B 70 -20.15 -1.21 -0.36
N LEU B 71 -19.99 -2.30 -1.11
CA LEU B 71 -20.47 -3.60 -0.68
C LEU B 71 -19.78 -4.06 0.61
N ALA B 72 -18.51 -3.67 0.77
CA ALA B 72 -17.75 -4.03 1.97
C ALA B 72 -18.32 -3.34 3.20
N LEU B 73 -18.81 -2.12 3.03
CA LEU B 73 -19.40 -1.37 4.13
C LEU B 73 -20.72 -2.04 4.52
N ARG B 74 -21.48 -2.46 3.52
CA ARG B 74 -22.76 -3.11 3.76
C ARG B 74 -22.56 -4.40 4.53
N GLU B 75 -21.58 -5.19 4.09
CA GLU B 75 -21.28 -6.47 4.75
C GLU B 75 -20.90 -6.22 6.19
N LYS B 76 -20.25 -5.09 6.43
CA LYS B 76 -19.79 -4.74 7.76
C LYS B 76 -20.88 -4.10 8.61
N GLY B 77 -22.11 -4.09 8.09
CA GLY B 77 -23.21 -3.54 8.85
C GLY B 77 -23.62 -2.08 8.71
N ILE B 78 -22.99 -1.32 7.82
CA ILE B 78 -23.39 0.07 7.66
C ILE B 78 -24.68 0.08 6.85
N GLU B 79 -25.67 0.79 7.36
CA GLU B 79 -26.99 0.85 6.71
C GLU B 79 -27.34 2.20 6.10
N ALA B 80 -26.46 3.19 6.25
CA ALA B 80 -26.72 4.52 5.71
C ALA B 80 -26.58 4.51 4.20
N PRO B 81 -27.06 5.56 3.52
CA PRO B 81 -26.96 5.62 2.07
C PRO B 81 -25.50 5.78 1.65
N ILE B 82 -25.15 5.18 0.52
CA ILE B 82 -23.79 5.23 0.01
C ILE B 82 -23.79 5.58 -1.48
N LEU B 83 -22.93 6.51 -1.88
CA LEU B 83 -22.84 6.88 -3.30
C LEU B 83 -21.49 6.47 -3.84
N VAL B 84 -21.50 5.83 -4.99
CA VAL B 84 -20.27 5.43 -5.65
C VAL B 84 -19.91 6.65 -6.53
N LEU B 85 -18.75 7.26 -6.27
CA LEU B 85 -18.32 8.44 -7.02
C LEU B 85 -17.67 8.13 -8.35
N GLY B 86 -17.18 6.91 -8.51
CA GLY B 86 -16.52 6.54 -9.74
C GLY B 86 -17.41 5.77 -10.70
N ALA B 87 -16.79 5.18 -11.71
CA ALA B 87 -17.52 4.40 -12.71
C ALA B 87 -17.86 3.01 -12.19
N SER B 88 -18.77 2.35 -12.92
CA SER B 88 -19.25 1.01 -12.58
C SER B 88 -19.73 0.36 -13.87
N ARG B 89 -19.98 -0.95 -13.83
CA ARG B 89 -20.44 -1.67 -15.01
C ARG B 89 -21.97 -1.70 -15.10
N PRO B 90 -22.51 -1.49 -16.29
CA PRO B 90 -23.97 -1.52 -16.46
C PRO B 90 -24.54 -2.82 -15.92
N ALA B 91 -23.80 -3.90 -16.10
CA ALA B 91 -24.24 -5.21 -15.66
C ALA B 91 -24.32 -5.33 -14.14
N ASP B 92 -23.79 -4.35 -13.43
CA ASP B 92 -23.79 -4.36 -11.97
C ASP B 92 -24.89 -3.48 -11.35
N ALA B 93 -25.75 -2.90 -12.18
CA ALA B 93 -26.82 -2.03 -11.70
C ALA B 93 -27.79 -2.75 -10.74
N ALA B 94 -28.18 -3.96 -11.08
CA ALA B 94 -29.10 -4.75 -10.27
C ALA B 94 -28.54 -4.97 -8.87
N LEU B 95 -27.23 -5.24 -8.81
CA LEU B 95 -26.55 -5.48 -7.54
C LEU B 95 -26.51 -4.21 -6.69
N ALA B 96 -26.24 -3.07 -7.32
CA ALA B 96 -26.21 -1.81 -6.59
C ALA B 96 -27.61 -1.49 -6.11
N ALA B 97 -28.60 -1.73 -6.97
CA ALA B 97 -30.00 -1.48 -6.65
C ALA B 97 -30.43 -2.29 -5.42
N GLN B 98 -30.12 -3.57 -5.43
CA GLN B 98 -30.47 -4.46 -4.34
C GLN B 98 -29.81 -4.08 -3.00
N GLN B 99 -28.57 -3.61 -3.05
CA GLN B 99 -27.87 -3.22 -1.83
C GLN B 99 -28.13 -1.77 -1.46
N ARG B 100 -28.94 -1.10 -2.27
CA ARG B 100 -29.28 0.30 -2.03
C ARG B 100 -28.05 1.21 -2.10
N ILE B 101 -27.35 1.13 -3.23
CA ILE B 101 -26.17 1.94 -3.47
C ILE B 101 -26.43 2.86 -4.65
N ALA B 102 -26.23 4.17 -4.45
CA ALA B 102 -26.44 5.15 -5.51
C ALA B 102 -25.22 5.17 -6.44
N LEU B 103 -25.47 5.33 -7.74
CA LEU B 103 -24.39 5.34 -8.72
C LEU B 103 -24.23 6.65 -9.46
N THR B 104 -22.98 6.99 -9.78
CA THR B 104 -22.70 8.20 -10.54
C THR B 104 -22.88 7.80 -11.99
N VAL B 105 -23.45 8.70 -12.80
CA VAL B 105 -23.66 8.43 -14.22
C VAL B 105 -23.22 9.67 -15.00
N PHE B 106 -22.67 9.48 -16.19
CA PHE B 106 -22.18 10.60 -16.99
C PHE B 106 -22.14 10.29 -18.49
N ARG B 107 -22.72 9.17 -18.90
CA ARG B 107 -22.74 8.80 -20.31
C ARG B 107 -24.12 8.21 -20.62
N SER B 108 -24.67 8.54 -21.78
CA SER B 108 -25.98 8.03 -22.15
C SER B 108 -25.89 6.60 -22.65
N ASP B 109 -24.74 6.22 -23.20
CA ASP B 109 -24.60 4.85 -23.70
C ASP B 109 -24.60 3.84 -22.57
N TRP B 110 -24.11 4.25 -21.40
CA TRP B 110 -24.09 3.39 -20.22
C TRP B 110 -25.53 3.10 -19.84
N LEU B 111 -26.34 4.15 -19.78
CA LEU B 111 -27.74 4.03 -19.41
C LEU B 111 -28.55 3.22 -20.40
N GLU B 112 -28.17 3.31 -21.68
CA GLU B 112 -28.85 2.55 -22.72
C GLU B 112 -28.59 1.07 -22.47
N GLU B 113 -27.38 0.76 -22.03
CA GLU B 113 -26.96 -0.59 -21.73
C GLU B 113 -27.64 -1.13 -20.46
N ALA B 114 -27.68 -0.30 -19.41
CA ALA B 114 -28.29 -0.68 -18.14
C ALA B 114 -29.79 -0.92 -18.28
N SER B 115 -30.46 -0.09 -19.09
CA SER B 115 -31.90 -0.23 -19.30
C SER B 115 -32.26 -1.60 -19.85
N ALA B 116 -31.45 -2.09 -20.80
CA ALA B 116 -31.69 -3.38 -21.41
C ALA B 116 -31.39 -4.56 -20.48
N LEU B 117 -30.63 -4.31 -19.41
CA LEU B 117 -30.27 -5.35 -18.47
C LEU B 117 -31.12 -5.41 -17.20
N TYR B 118 -31.54 -4.25 -16.72
CA TYR B 118 -32.32 -4.18 -15.50
C TYR B 118 -33.77 -3.80 -15.73
N SER B 119 -34.66 -4.41 -14.96
CA SER B 119 -36.08 -4.12 -15.09
C SER B 119 -36.85 -4.25 -13.76
N GLY B 120 -36.26 -3.77 -12.68
CA GLY B 120 -36.90 -3.83 -11.38
C GLY B 120 -36.53 -5.05 -10.57
N PRO B 121 -37.16 -5.25 -9.39
CA PRO B 121 -38.20 -4.39 -8.81
C PRO B 121 -37.63 -3.24 -7.98
N PHE B 122 -36.33 -3.28 -7.70
CA PHE B 122 -35.69 -2.25 -6.90
C PHE B 122 -35.34 -1.03 -7.73
N PRO B 123 -35.55 0.18 -7.17
CA PRO B 123 -35.21 1.38 -7.94
C PRO B 123 -33.72 1.68 -7.80
N ILE B 124 -33.14 2.26 -8.84
CA ILE B 124 -31.73 2.61 -8.81
C ILE B 124 -31.61 4.14 -8.77
N HIS B 125 -30.95 4.66 -7.75
CA HIS B 125 -30.78 6.10 -7.63
C HIS B 125 -29.48 6.54 -8.28
N PHE B 126 -29.59 7.45 -9.24
CA PHE B 126 -28.44 7.96 -9.98
C PHE B 126 -28.11 9.40 -9.61
N HIS B 127 -26.83 9.74 -9.67
CA HIS B 127 -26.37 11.09 -9.40
C HIS B 127 -25.64 11.49 -10.66
N LEU B 128 -26.18 12.52 -11.34
CA LEU B 128 -25.61 12.99 -12.59
C LEU B 128 -24.35 13.84 -12.38
N MET B 130 -21.42 16.31 -13.62
CA MET B 130 -21.16 17.33 -14.63
C MET B 130 -19.72 17.81 -14.57
N ASP B 131 -19.03 17.75 -15.71
CA ASP B 131 -17.64 18.20 -15.75
C ASP B 131 -17.64 19.71 -16.00
N THR B 132 -17.19 20.47 -15.01
CA THR B 132 -17.16 21.93 -15.09
C THR B 132 -15.74 22.50 -15.20
N GLY B 133 -14.77 21.63 -15.43
CA GLY B 133 -13.40 22.09 -15.57
C GLY B 133 -12.34 21.23 -14.93
N MET B 134 -12.73 20.10 -14.33
CA MET B 134 -11.78 19.20 -13.69
C MET B 134 -11.24 18.25 -14.77
N GLY B 135 -12.05 17.98 -15.77
CA GLY B 135 -11.66 17.12 -16.87
C GLY B 135 -11.56 15.63 -16.60
N ARG B 136 -12.08 15.21 -15.44
CA ARG B 136 -12.03 13.81 -15.04
C ARG B 136 -13.24 13.02 -15.53
N LEU B 137 -14.36 13.17 -14.82
CA LEU B 137 -15.59 12.46 -15.18
C LEU B 137 -16.72 13.48 -15.34
N GLY B 138 -17.81 13.07 -16.01
CA GLY B 138 -18.94 13.96 -16.15
C GLY B 138 -19.33 14.41 -17.55
N VAL B 139 -20.60 14.80 -17.67
CA VAL B 139 -21.16 15.26 -18.93
C VAL B 139 -20.61 16.65 -19.27
N LYS B 140 -20.60 16.99 -20.56
CA LYS B 140 -20.09 18.27 -20.98
C LYS B 140 -21.05 19.12 -21.80
N ASP B 141 -21.88 18.49 -22.62
CA ASP B 141 -22.83 19.23 -23.44
C ASP B 141 -24.26 18.97 -23.04
N GLU B 142 -25.13 19.94 -23.38
CA GLU B 142 -26.55 19.87 -23.07
C GLU B 142 -27.30 18.75 -23.80
N GLU B 143 -26.90 18.47 -25.03
CA GLU B 143 -27.57 17.43 -25.79
C GLU B 143 -27.46 16.10 -25.05
N GLU B 144 -26.25 15.79 -24.60
CA GLU B 144 -25.99 14.54 -23.87
C GLU B 144 -26.71 14.51 -22.53
N THR B 145 -26.75 15.66 -21.86
CA THR B 145 -27.42 15.79 -20.57
C THR B 145 -28.90 15.46 -20.70
N LYS B 146 -29.55 16.09 -21.66
CA LYS B 146 -30.98 15.86 -21.89
C LYS B 146 -31.27 14.42 -22.27
N ARG B 147 -30.34 13.77 -22.96
CA ARG B 147 -30.53 12.38 -23.36
C ARG B 147 -30.48 11.49 -22.13
N ILE B 148 -29.56 11.80 -21.21
CA ILE B 148 -29.42 11.04 -19.98
C ILE B 148 -30.73 11.14 -19.19
N VAL B 149 -31.21 12.36 -18.97
CA VAL B 149 -32.44 12.59 -18.24
C VAL B 149 -33.65 11.86 -18.83
N ALA B 150 -33.75 11.86 -20.16
CA ALA B 150 -34.84 11.19 -20.85
C ALA B 150 -34.84 9.68 -20.60
N LEU B 151 -33.67 9.06 -20.73
CA LEU B 151 -33.55 7.62 -20.52
C LEU B 151 -33.91 7.29 -19.08
N ILE B 152 -33.51 8.14 -18.15
CA ILE B 152 -33.79 7.90 -16.74
C ILE B 152 -35.30 8.01 -16.51
N GLU B 153 -35.86 9.14 -16.92
CA GLU B 153 -37.30 9.37 -16.78
C GLU B 153 -38.09 8.21 -17.36
N ARG B 154 -37.70 7.77 -18.55
CA ARG B 154 -38.38 6.69 -19.24
C ARG B 154 -38.46 5.38 -18.44
N HIS B 155 -37.35 4.97 -17.84
CA HIS B 155 -37.32 3.73 -17.08
C HIS B 155 -38.05 3.88 -15.76
N PRO B 156 -38.98 2.96 -15.46
CA PRO B 156 -39.76 3.02 -14.22
C PRO B 156 -38.97 2.80 -12.95
N HIS B 157 -37.77 2.23 -13.06
CA HIS B 157 -36.95 1.98 -11.87
C HIS B 157 -35.72 2.87 -11.74
N PHE B 158 -35.49 3.71 -12.74
CA PHE B 158 -34.35 4.62 -12.72
C PHE B 158 -34.82 5.95 -12.12
N VAL B 159 -34.08 6.46 -11.14
CA VAL B 159 -34.45 7.70 -10.48
C VAL B 159 -33.25 8.64 -10.36
N LEU B 160 -33.42 9.88 -10.81
CA LEU B 160 -32.34 10.86 -10.74
C LEU B 160 -32.44 11.53 -9.37
N GLU B 161 -31.66 11.02 -8.42
CA GLU B 161 -31.68 11.56 -7.07
C GLU B 161 -30.82 12.82 -6.90
N GLY B 162 -29.83 13.00 -7.75
CA GLY B 162 -29.00 14.17 -7.61
C GLY B 162 -28.10 14.45 -8.80
N LEU B 163 -27.33 15.52 -8.67
CA LEU B 163 -26.40 15.91 -9.71
C LEU B 163 -25.32 16.75 -9.06
N TYR B 164 -24.09 16.63 -9.57
CA TYR B 164 -23.00 17.36 -8.97
C TYR B 164 -21.80 17.55 -9.88
N THR B 165 -20.85 18.32 -9.38
CA THR B 165 -19.61 18.57 -10.08
C THR B 165 -18.49 18.50 -9.03
N HIS B 166 -17.25 18.72 -9.46
CA HIS B 166 -16.12 18.69 -8.54
C HIS B 166 -15.15 19.77 -8.96
N PHE B 167 -14.53 20.42 -7.98
CA PHE B 167 -13.60 21.50 -8.24
C PHE B 167 -12.14 21.09 -8.29
N ALA B 168 -11.41 21.63 -9.26
CA ALA B 168 -9.99 21.34 -9.44
C ALA B 168 -9.07 22.24 -8.62
N THR B 169 -9.54 23.41 -8.22
CA THR B 169 -8.68 24.35 -7.48
C THR B 169 -9.28 25.04 -6.25
N ALA B 170 -10.24 24.43 -5.59
CA ALA B 170 -10.88 25.04 -4.41
C ALA B 170 -9.92 25.25 -3.25
N ASP B 171 -8.72 24.67 -3.34
CA ASP B 171 -7.74 24.80 -2.26
C ASP B 171 -6.62 25.81 -2.56
N GLU B 172 -6.79 26.59 -3.62
CA GLU B 172 -5.80 27.62 -3.97
C GLU B 172 -6.32 28.95 -3.47
N VAL B 173 -5.44 29.81 -2.97
CA VAL B 173 -5.87 31.10 -2.47
C VAL B 173 -6.56 31.92 -3.56
N ASN B 174 -6.07 31.82 -4.79
CA ASN B 174 -6.69 32.55 -5.89
C ASN B 174 -7.91 31.76 -6.34
N THR B 175 -9.07 32.42 -6.39
CA THR B 175 -10.31 31.76 -6.75
C THR B 175 -10.78 31.97 -8.18
N ASP B 176 -9.88 32.38 -9.06
CA ASP B 176 -10.26 32.63 -10.45
C ASP B 176 -10.87 31.42 -11.12
N TYR B 177 -10.17 30.28 -11.11
CA TYR B 177 -10.71 29.08 -11.75
C TYR B 177 -11.91 28.53 -10.99
N PHE B 178 -11.84 28.61 -9.66
CA PHE B 178 -12.93 28.14 -8.84
C PHE B 178 -14.20 28.88 -9.25
N SER B 179 -14.10 30.21 -9.37
CA SER B 179 -15.24 31.03 -9.77
C SER B 179 -15.77 30.63 -11.14
N TYR B 180 -14.86 30.25 -12.04
CA TYR B 180 -15.26 29.86 -13.39
C TYR B 180 -16.02 28.53 -13.36
N GLN B 181 -15.58 27.61 -12.51
CA GLN B 181 -16.21 26.31 -12.39
C GLN B 181 -17.61 26.43 -11.76
N TYR B 182 -17.71 27.27 -10.72
CA TYR B 182 -18.98 27.50 -10.04
C TYR B 182 -20.01 28.14 -10.98
N THR B 183 -19.55 29.13 -11.75
CA THR B 183 -20.42 29.82 -12.70
C THR B 183 -20.86 28.85 -13.79
N ARG B 184 -19.93 28.03 -14.27
CA ARG B 184 -20.25 27.04 -15.30
C ARG B 184 -21.29 26.04 -14.77
N PHE B 185 -21.21 25.74 -13.48
CA PHE B 185 -22.14 24.79 -12.86
C PHE B 185 -23.54 25.36 -12.86
N LEU B 186 -23.66 26.63 -12.49
CA LEU B 186 -24.96 27.27 -12.46
C LEU B 186 -25.61 27.31 -13.84
N HIS B 187 -24.78 27.45 -14.88
CA HIS B 187 -25.27 27.50 -16.25
C HIS B 187 -25.73 26.12 -16.73
N MET B 188 -25.02 25.07 -16.31
CA MET B 188 -25.36 23.71 -16.72
C MET B 188 -26.59 23.16 -16.00
N LEU B 189 -26.85 23.67 -14.81
CA LEU B 189 -28.01 23.25 -14.03
C LEU B 189 -29.30 23.62 -14.76
N GLU B 190 -29.23 24.67 -15.58
CA GLU B 190 -30.38 25.13 -16.35
C GLU B 190 -30.79 24.13 -17.42
N TRP B 191 -29.87 23.23 -17.78
CA TRP B 191 -30.15 22.22 -18.79
C TRP B 191 -31.10 21.15 -18.26
N LEU B 192 -31.29 21.12 -16.94
CA LEU B 192 -32.18 20.14 -16.33
C LEU B 192 -33.62 20.64 -16.31
N PRO B 193 -34.56 19.79 -16.75
CA PRO B 193 -35.98 20.15 -16.77
C PRO B 193 -36.47 20.36 -15.35
N SER B 194 -35.82 19.71 -14.40
CA SER B 194 -36.17 19.83 -13.00
C SER B 194 -34.94 19.60 -12.12
N ARG B 195 -34.86 20.38 -11.06
CA ARG B 195 -33.75 20.30 -10.12
C ARG B 195 -33.89 19.07 -9.23
N PRO B 196 -32.89 18.16 -9.26
CA PRO B 196 -33.02 16.97 -8.40
C PRO B 196 -33.03 17.37 -6.93
N PRO B 197 -33.52 16.47 -6.06
CA PRO B 197 -33.56 16.76 -4.62
C PRO B 197 -32.20 16.98 -3.94
N LEU B 198 -31.12 16.55 -4.60
CA LEU B 198 -29.80 16.71 -4.02
C LEU B 198 -28.77 17.28 -5.00
N VAL B 199 -28.39 18.54 -4.80
CA VAL B 199 -27.41 19.20 -5.65
C VAL B 199 -26.17 19.45 -4.79
N HIS B 200 -25.01 18.94 -5.23
CA HIS B 200 -23.76 19.10 -4.48
C HIS B 200 -22.54 19.43 -5.34
N CYS B 201 -21.55 20.10 -4.76
CA CYS B 201 -20.35 20.46 -5.50
C CYS B 201 -19.09 20.64 -4.64
N ALA B 202 -19.28 20.93 -3.36
CA ALA B 202 -18.19 21.20 -2.46
C ALA B 202 -17.44 20.03 -1.82
N ASN B 203 -16.11 20.18 -1.77
CA ASN B 203 -15.23 19.22 -1.12
C ASN B 203 -14.83 19.89 0.19
N SER B 204 -13.81 19.41 0.87
CA SER B 204 -13.42 20.01 2.15
C SER B 204 -13.09 21.50 2.08
N ALA B 205 -12.21 21.85 1.15
CA ALA B 205 -11.77 23.22 0.96
C ALA B 205 -12.92 24.17 0.60
N ALA B 206 -13.73 23.80 -0.38
CA ALA B 206 -14.86 24.64 -0.78
C ALA B 206 -15.89 24.80 0.34
N SER B 207 -16.24 23.71 1.03
CA SER B 207 -17.23 23.81 2.10
C SER B 207 -16.74 24.57 3.31
N LEU B 208 -15.44 24.50 3.58
CA LEU B 208 -14.89 25.22 4.72
C LEU B 208 -14.67 26.70 4.39
N ARG B 209 -14.52 27.00 3.11
CA ARG B 209 -14.27 28.37 2.66
C ARG B 209 -15.52 29.17 2.28
N PHE B 210 -16.45 28.51 1.59
CA PHE B 210 -17.66 29.18 1.17
C PHE B 210 -18.86 28.30 1.52
N PRO B 211 -19.12 28.12 2.82
CA PRO B 211 -20.25 27.29 3.29
C PRO B 211 -21.62 27.69 2.78
N ASP B 212 -21.75 28.94 2.33
CA ASP B 212 -23.03 29.44 1.83
C ASP B 212 -23.24 29.08 0.35
N ARG B 213 -22.19 28.58 -0.28
CA ARG B 213 -22.26 28.21 -1.68
C ARG B 213 -22.16 26.69 -1.86
N THR B 214 -22.77 25.96 -0.92
CA THR B 214 -22.73 24.49 -0.90
C THR B 214 -23.99 23.75 -1.37
N PHE B 215 -25.09 24.47 -1.55
CA PHE B 215 -26.33 23.85 -1.96
C PHE B 215 -26.85 22.95 -0.83
N ASN B 216 -27.37 21.76 -1.15
CA ASN B 216 -27.92 20.93 -0.08
C ASN B 216 -27.07 19.78 0.44
N MET B 217 -25.85 19.62 -0.08
CA MET B 217 -24.98 18.56 0.39
C MET B 217 -23.51 18.81 0.09
N VAL B 218 -22.66 18.57 1.08
CA VAL B 218 -21.23 18.75 0.91
C VAL B 218 -20.56 17.39 1.07
N ARG B 219 -19.49 17.16 0.30
CA ARG B 219 -18.76 15.90 0.39
C ARG B 219 -17.49 16.17 1.19
N PHE B 220 -17.53 15.79 2.47
CA PHE B 220 -16.44 16.00 3.43
C PHE B 220 -15.38 14.91 3.46
N GLY B 221 -14.17 15.22 2.99
CA GLY B 221 -13.10 14.24 2.96
C GLY B 221 -11.87 14.49 3.82
N ILE B 222 -10.80 14.98 3.20
CA ILE B 222 -9.54 15.22 3.91
C ILE B 222 -9.66 15.95 5.26
N ALA B 223 -10.39 17.05 5.32
CA ALA B 223 -10.53 17.79 6.58
C ALA B 223 -11.17 16.98 7.71
N MET B 224 -11.91 15.93 7.37
CA MET B 224 -12.54 15.08 8.38
C MET B 224 -11.45 14.32 9.15
N TYR B 225 -10.35 14.03 8.46
CA TYR B 225 -9.21 13.34 9.06
C TYR B 225 -8.27 14.29 9.77
N GLY B 226 -8.63 15.56 9.82
CA GLY B 226 -7.81 16.55 10.50
C GLY B 226 -6.64 17.09 9.68
N LEU B 227 -6.71 16.90 8.36
CA LEU B 227 -5.65 17.36 7.47
C LEU B 227 -6.14 18.52 6.59
N ALA B 228 -5.34 19.58 6.47
CA ALA B 228 -5.70 20.74 5.66
C ALA B 228 -5.64 20.44 4.18
N PRO B 229 -6.66 20.83 3.42
CA PRO B 229 -6.66 20.57 1.97
C PRO B 229 -5.36 21.02 1.33
N SER B 230 -4.73 22.06 1.90
CA SER B 230 -3.48 22.58 1.39
C SER B 230 -2.86 23.51 2.42
N PRO B 231 -1.54 23.73 2.32
CA PRO B 231 -0.85 24.61 3.27
C PRO B 231 -1.28 26.05 3.07
N GLY B 232 -1.62 26.39 1.83
CA GLY B 232 -2.05 27.73 1.51
C GLY B 232 -3.31 28.20 2.25
N ILE B 233 -4.34 27.34 2.31
CA ILE B 233 -5.57 27.75 2.97
C ILE B 233 -5.63 27.45 4.44
N LYS B 234 -4.55 26.86 4.96
CA LYS B 234 -4.48 26.51 6.38
C LYS B 234 -4.91 27.70 7.23
N PRO B 235 -4.38 28.89 6.94
CA PRO B 235 -4.75 30.08 7.73
C PRO B 235 -6.15 30.64 7.45
N LEU B 236 -6.86 30.04 6.48
CA LEU B 236 -8.20 30.50 6.15
C LEU B 236 -9.32 29.62 6.70
N LEU B 237 -8.95 28.51 7.36
CA LEU B 237 -9.90 27.56 7.92
C LEU B 237 -10.71 28.17 9.08
N PRO B 238 -12.02 27.87 9.15
CA PRO B 238 -12.93 28.38 10.19
C PRO B 238 -12.66 27.92 11.62
N TYR B 239 -12.26 26.66 11.78
CA TYR B 239 -11.95 26.12 13.10
C TYR B 239 -10.70 25.26 13.01
N PRO B 240 -10.02 25.02 14.14
CA PRO B 240 -8.81 24.20 14.14
C PRO B 240 -9.11 22.71 13.96
N LEU B 241 -8.44 22.08 13.01
CA LEU B 241 -8.63 20.66 12.74
C LEU B 241 -7.81 19.79 13.69
N LYS B 242 -8.32 18.61 14.00
CA LYS B 242 -7.61 17.70 14.88
C LYS B 242 -7.07 16.51 14.08
N GLU B 243 -5.75 16.35 14.04
CA GLU B 243 -5.14 15.25 13.31
C GLU B 243 -5.45 13.96 14.06
N ALA B 244 -5.86 12.93 13.34
CA ALA B 244 -6.25 11.66 13.95
C ALA B 244 -5.29 10.46 13.76
N PHE B 245 -4.40 10.54 12.78
CA PHE B 245 -3.48 9.44 12.49
C PHE B 245 -2.10 9.61 13.10
N SER B 246 -1.59 8.54 13.71
CA SER B 246 -0.25 8.52 14.29
C SER B 246 0.31 7.12 14.01
N LEU B 247 1.64 7.00 13.96
CA LEU B 247 2.28 5.72 13.62
C LEU B 247 3.45 5.48 14.55
N HIS B 248 3.55 4.27 15.11
CA HIS B 248 4.62 3.93 16.05
C HIS B 248 5.24 2.56 15.85
N SER B 249 6.38 2.36 16.50
CA SER B 249 7.12 1.09 16.45
C SER B 249 8.02 1.05 17.69
N ARG B 250 8.85 0.03 17.82
CA ARG B 250 9.72 -0.11 18.98
C ARG B 250 11.08 -0.63 18.55
N LEU B 251 12.12 -0.30 19.32
CA LEU B 251 13.45 -0.79 19.01
C LEU B 251 13.45 -2.30 19.26
N VAL B 252 13.97 -3.06 18.31
CA VAL B 252 14.04 -4.51 18.45
C VAL B 252 15.49 -4.93 18.58
N HIS B 253 16.39 -3.98 18.36
CA HIS B 253 17.80 -4.25 18.50
C HIS B 253 18.53 -2.95 18.70
N VAL B 254 19.55 -2.99 19.54
CA VAL B 254 20.39 -1.86 19.85
C VAL B 254 21.85 -2.32 19.89
N LYS B 255 22.75 -1.59 19.25
CA LYS B 255 24.15 -1.96 19.26
C LYS B 255 25.03 -0.74 19.06
N LYS B 256 26.31 -0.86 19.43
CA LYS B 256 27.23 0.25 19.26
C LYS B 256 28.16 -0.07 18.09
N LEU B 257 28.36 0.90 17.22
CA LEU B 257 29.23 0.72 16.05
C LEU B 257 30.56 1.47 16.22
N GLN B 258 31.64 0.87 15.73
CA GLN B 258 32.95 1.50 15.81
C GLN B 258 33.11 2.28 14.51
N PRO B 259 33.89 3.38 14.53
CA PRO B 259 34.11 4.18 13.32
C PRO B 259 34.50 3.29 12.13
N GLY B 260 33.94 3.58 10.96
CA GLY B 260 34.27 2.80 9.79
C GLY B 260 33.29 1.68 9.48
N GLU B 261 32.44 1.33 10.44
CA GLU B 261 31.45 0.28 10.23
C GLU B 261 30.32 0.82 9.37
N LYS B 262 29.86 0.01 8.44
CA LYS B 262 28.80 0.41 7.53
C LYS B 262 27.43 -0.12 7.93
N VAL B 263 26.38 0.49 7.38
CA VAL B 263 24.99 0.13 7.68
C VAL B 263 24.08 0.02 6.45
N SER B 264 23.34 -1.08 6.38
CA SER B 264 22.37 -1.35 5.32
C SER B 264 22.87 -1.55 3.88
N TYR B 265 21.91 -1.78 2.99
CA TYR B 265 22.17 -2.03 1.57
C TYR B 265 23.08 -1.00 0.92
N GLY B 266 24.01 -1.49 0.11
CA GLY B 266 24.95 -0.63 -0.58
C GLY B 266 26.02 -0.06 0.33
N ALA B 267 25.91 -0.33 1.62
CA ALA B 267 26.87 0.17 2.59
C ALA B 267 27.08 1.66 2.35
N THR B 268 25.98 2.38 2.16
CA THR B 268 26.02 3.82 1.90
C THR B 268 26.19 4.69 3.13
N TYR B 269 26.19 4.10 4.31
CA TYR B 269 26.37 4.86 5.53
C TYR B 269 27.55 4.30 6.30
N THR B 270 28.41 5.18 6.82
CA THR B 270 29.57 4.77 7.60
C THR B 270 29.57 5.48 8.95
N ALA B 271 29.80 4.73 10.02
CA ALA B 271 29.86 5.33 11.35
C ALA B 271 31.12 6.20 11.43
N GLN B 272 30.94 7.50 11.66
CA GLN B 272 32.07 8.41 11.75
C GLN B 272 32.77 8.27 13.09
N THR B 273 32.00 7.87 14.10
CA THR B 273 32.54 7.70 15.44
C THR B 273 31.83 6.53 16.11
N GLU B 274 32.12 6.32 17.39
CA GLU B 274 31.49 5.25 18.16
C GLU B 274 30.05 5.72 18.40
N GLU B 275 29.08 5.15 17.67
CA GLU B 275 27.69 5.56 17.83
C GLU B 275 26.73 4.41 18.03
N TRP B 276 25.61 4.71 18.68
CA TRP B 276 24.58 3.71 18.97
C TRP B 276 23.54 3.64 17.85
N ILE B 277 23.34 2.45 17.31
CA ILE B 277 22.37 2.24 16.23
C ILE B 277 21.21 1.34 16.68
N GLY B 278 20.00 1.75 16.35
CA GLY B 278 18.83 0.96 16.72
C GLY B 278 18.07 0.48 15.49
N THR B 279 17.50 -0.71 15.57
CA THR B 279 16.72 -1.28 14.46
C THR B 279 15.22 -1.33 14.80
N ILE B 280 14.38 -0.86 13.86
CA ILE B 280 12.94 -0.85 14.06
C ILE B 280 12.25 -1.69 13.00
N PRO B 281 11.20 -2.43 13.39
CA PRO B 281 10.45 -3.28 12.47
C PRO B 281 9.42 -2.63 11.55
N ILE B 282 9.88 -1.72 10.69
CA ILE B 282 8.98 -1.07 9.73
C ILE B 282 9.82 -0.74 8.49
N GLY B 283 9.29 -1.04 7.31
CA GLY B 283 10.03 -0.78 6.08
C GLY B 283 9.15 -0.30 4.94
N TYR B 284 9.66 -0.37 3.70
CA TYR B 284 8.84 0.13 2.60
C TYR B 284 7.62 -0.69 2.23
N ALA B 285 7.54 -1.94 2.69
CA ALA B 285 6.37 -2.77 2.39
C ALA B 285 5.21 -2.38 3.32
N ASP B 286 5.52 -1.52 4.29
CA ASP B 286 4.55 -1.02 5.26
C ASP B 286 4.14 0.40 4.87
N GLY B 287 4.71 0.92 3.77
CA GLY B 287 4.39 2.26 3.32
C GLY B 287 5.46 3.28 3.68
N TRP B 288 6.51 2.84 4.38
CA TRP B 288 7.58 3.74 4.76
C TRP B 288 8.61 3.68 3.62
N LEU B 289 8.27 4.34 2.50
CA LEU B 289 9.11 4.36 1.31
C LEU B 289 10.58 4.71 1.48
N ARG B 290 11.41 4.08 0.67
CA ARG B 290 12.86 4.28 0.67
C ARG B 290 13.29 5.76 0.60
N ARG B 291 12.51 6.57 -0.11
CA ARG B 291 12.79 7.99 -0.25
C ARG B 291 12.85 8.70 1.10
N LEU B 292 12.35 8.06 2.16
CA LEU B 292 12.36 8.70 3.47
C LEU B 292 13.70 8.51 4.18
N GLN B 293 14.67 7.96 3.45
CA GLN B 293 16.00 7.69 3.98
C GLN B 293 16.71 8.79 4.78
N HIS B 294 16.48 10.05 4.45
CA HIS B 294 17.20 11.07 5.21
C HIS B 294 16.31 11.78 6.22
N PHE B 295 15.13 11.22 6.45
CA PHE B 295 14.17 11.80 7.38
C PHE B 295 14.63 11.43 8.77
N HIS B 296 13.79 11.72 9.76
CA HIS B 296 14.12 11.40 11.14
C HIS B 296 12.86 10.92 11.86
N VAL B 297 13.05 10.31 13.03
CA VAL B 297 11.93 9.81 13.82
C VAL B 297 12.06 10.34 15.25
N LEU B 298 11.09 10.04 16.09
CA LEU B 298 11.14 10.49 17.46
C LEU B 298 11.41 9.31 18.38
N VAL B 299 12.35 9.48 19.30
CA VAL B 299 12.66 8.43 20.26
C VAL B 299 13.08 9.11 21.56
N ASP B 300 12.44 8.72 22.65
CA ASP B 300 12.73 9.30 23.95
C ASP B 300 12.60 10.81 23.88
N GLY B 301 11.63 11.29 23.11
CA GLY B 301 11.41 12.72 23.00
C GLY B 301 12.42 13.50 22.19
N GLN B 302 13.23 12.81 21.40
CA GLN B 302 14.23 13.47 20.58
C GLN B 302 14.23 12.94 19.16
N LYS B 303 14.68 13.78 18.22
CA LYS B 303 14.75 13.40 16.82
C LYS B 303 15.97 12.53 16.61
N ALA B 304 15.80 11.43 15.88
CA ALA B 304 16.88 10.52 15.60
C ALA B 304 16.85 10.27 14.12
N PRO B 305 17.97 10.55 13.42
CA PRO B 305 18.02 10.34 11.97
C PRO B 305 18.02 8.88 11.54
N ILE B 306 17.38 8.63 10.41
CA ILE B 306 17.34 7.30 9.83
C ILE B 306 18.66 7.23 9.08
N VAL B 307 19.42 6.15 9.26
CA VAL B 307 20.70 6.01 8.60
C VAL B 307 20.73 4.84 7.63
N GLY B 308 21.36 5.03 6.48
CA GLY B 308 21.45 3.99 5.48
C GLY B 308 20.11 3.79 4.78
N ARG B 309 20.07 2.89 3.81
CA ARG B 309 18.84 2.63 3.06
C ARG B 309 17.75 1.96 3.90
N ILE B 310 16.51 2.26 3.55
CA ILE B 310 15.37 1.67 4.26
C ILE B 310 15.12 0.32 3.61
N CYS B 311 14.89 -0.71 4.43
CA CYS B 311 14.65 -2.05 3.92
C CYS B 311 13.16 -2.35 3.80
N MET B 312 12.82 -3.48 3.20
CA MET B 312 11.43 -3.82 3.00
C MET B 312 10.64 -3.89 4.28
N ASP B 313 11.26 -4.40 5.35
CA ASP B 313 10.56 -4.54 6.64
C ASP B 313 11.23 -3.88 7.83
N GLN B 314 12.42 -3.32 7.63
CA GLN B 314 13.14 -2.69 8.73
C GLN B 314 13.98 -1.53 8.25
N CYS B 315 14.42 -0.71 9.19
CA CYS B 315 15.28 0.42 8.90
C CYS B 315 16.00 0.77 10.19
N MET B 316 17.14 1.44 10.09
CA MET B 316 17.95 1.78 11.25
C MET B 316 18.00 3.28 11.51
N ILE B 317 18.20 3.65 12.77
CA ILE B 317 18.27 5.06 13.16
C ILE B 317 19.47 5.26 14.11
N ARG B 318 19.97 6.49 14.18
CA ARG B 318 21.09 6.78 15.09
C ARG B 318 20.50 7.28 16.40
N LEU B 319 20.78 6.57 17.50
CA LEU B 319 20.24 6.93 18.81
C LEU B 319 21.10 7.91 19.61
N PRO B 320 20.47 8.62 20.59
CA PRO B 320 21.20 9.58 21.42
C PRO B 320 22.23 8.86 22.28
N GLY B 321 21.90 7.65 22.71
CA GLY B 321 22.82 6.88 23.53
C GLY B 321 22.27 5.47 23.62
N PRO B 322 22.67 4.69 24.64
CA PRO B 322 22.16 3.32 24.75
C PRO B 322 20.74 3.30 25.32
N LEU B 323 19.80 2.92 24.48
CA LEU B 323 18.41 2.84 24.90
C LEU B 323 18.03 1.37 25.01
N PRO B 324 17.10 1.04 25.92
CA PRO B 324 16.73 -0.37 26.02
C PRO B 324 15.89 -0.81 24.83
N VAL B 325 16.01 -2.09 24.50
CA VAL B 325 15.22 -2.65 23.42
C VAL B 325 13.77 -2.50 23.92
N GLY B 326 12.82 -2.29 23.02
CA GLY B 326 11.45 -2.13 23.44
C GLY B 326 11.08 -0.67 23.60
N THR B 327 12.06 0.20 23.45
CA THR B 327 11.82 1.63 23.57
C THR B 327 10.93 2.07 22.40
N LYS B 328 9.90 2.84 22.70
CA LYS B 328 8.97 3.30 21.69
C LYS B 328 9.53 4.36 20.75
N VAL B 329 9.26 4.18 19.46
CA VAL B 329 9.69 5.11 18.43
C VAL B 329 8.44 5.62 17.75
N THR B 330 8.32 6.93 17.56
CA THR B 330 7.15 7.50 16.89
C THR B 330 7.60 8.00 15.53
N LEU B 331 6.93 7.54 14.48
CA LEU B 331 7.26 7.95 13.13
C LEU B 331 6.40 9.12 12.70
N ILE B 332 5.15 9.13 13.15
CA ILE B 332 4.20 10.20 12.87
C ILE B 332 3.43 10.37 14.18
N GLY B 333 3.52 11.56 14.77
CA GLY B 333 2.84 11.79 16.03
C GLY B 333 3.67 12.70 16.93
N ARG B 334 3.44 12.64 18.23
CA ARG B 334 4.18 13.51 19.14
C ARG B 334 4.83 12.76 20.29
N GLN B 335 5.97 13.28 20.74
CA GLN B 335 6.70 12.70 21.86
C GLN B 335 7.27 13.87 22.63
N GLY B 336 6.84 14.04 23.87
CA GLY B 336 7.32 15.15 24.66
C GLY B 336 6.95 16.46 23.98
N ASP B 337 7.96 17.27 23.70
CA ASP B 337 7.75 18.56 23.06
C ASP B 337 7.87 18.50 21.54
N GLU B 338 8.24 17.33 21.03
CA GLU B 338 8.40 17.18 19.59
C GLU B 338 7.19 16.54 18.93
N VAL B 339 7.00 16.83 17.65
CA VAL B 339 5.90 16.28 16.89
C VAL B 339 6.25 16.19 15.41
N ILE B 340 5.78 15.12 14.77
CA ILE B 340 5.99 14.92 13.35
C ILE B 340 4.59 14.76 12.81
N SER B 341 4.21 15.62 11.88
CA SER B 341 2.88 15.55 11.29
C SER B 341 2.93 14.89 9.94
N ILE B 342 1.74 14.55 9.42
CA ILE B 342 1.66 13.92 8.12
C ILE B 342 2.16 14.94 7.11
N ASP B 343 2.01 16.22 7.43
CA ASP B 343 2.45 17.26 6.53
C ASP B 343 3.98 17.24 6.40
N ASP B 344 4.67 16.96 7.50
CA ASP B 344 6.13 16.89 7.51
C ASP B 344 6.64 15.73 6.66
N VAL B 345 5.95 14.60 6.74
CA VAL B 345 6.33 13.43 5.97
C VAL B 345 6.08 13.69 4.49
N ALA B 346 4.95 14.34 4.19
CA ALA B 346 4.58 14.63 2.80
C ALA B 346 5.61 15.56 2.16
N ARG B 347 6.09 16.54 2.91
CA ARG B 347 7.08 17.46 2.38
C ARG B 347 8.32 16.69 1.95
N HIS B 348 8.83 15.84 2.84
CA HIS B 348 10.02 15.05 2.55
C HIS B 348 9.87 14.09 1.37
N LEU B 349 8.66 13.57 1.16
CA LEU B 349 8.40 12.64 0.05
C LEU B 349 8.01 13.42 -1.18
N GLU B 350 7.95 14.74 -1.03
CA GLU B 350 7.56 15.63 -2.13
C GLU B 350 6.22 15.23 -2.73
N THR B 351 5.21 15.11 -1.86
CA THR B 351 3.86 14.76 -2.29
C THR B 351 2.88 15.54 -1.40
N ILE B 352 1.59 15.22 -1.48
CA ILE B 352 0.60 15.93 -0.66
C ILE B 352 0.20 15.01 0.49
N ASN B 353 -0.34 15.59 1.56
CA ASN B 353 -0.71 14.78 2.71
C ASN B 353 -1.68 13.64 2.39
N TYR B 354 -2.56 13.83 1.42
CA TYR B 354 -3.53 12.79 1.07
C TYR B 354 -2.87 11.44 0.86
N GLU B 355 -1.76 11.44 0.12
CA GLU B 355 -1.07 10.21 -0.24
C GLU B 355 -0.40 9.41 0.88
N VAL B 356 -0.03 10.09 1.97
CA VAL B 356 0.66 9.41 3.05
C VAL B 356 -0.11 8.34 3.83
N PRO B 357 -1.32 8.65 4.35
CA PRO B 357 -2.02 7.60 5.09
C PRO B 357 -2.49 6.44 4.23
N CYS B 358 -2.74 6.72 2.95
CA CYS B 358 -3.19 5.69 2.01
C CYS B 358 -2.08 4.71 1.68
N THR B 359 -0.84 5.18 1.76
CA THR B 359 0.31 4.33 1.44
C THR B 359 0.71 3.40 2.58
N ILE B 360 0.34 3.77 3.81
CA ILE B 360 0.63 2.92 4.98
C ILE B 360 -0.24 1.68 4.72
N SER B 361 0.43 0.59 4.35
CA SER B 361 -0.22 -0.65 3.96
C SER B 361 -1.06 -1.46 4.92
N TYR B 362 -1.65 -2.51 4.34
CA TYR B 362 -2.51 -3.47 5.01
C TYR B 362 -1.73 -4.22 6.10
N ARG B 363 -0.41 -4.24 5.98
CA ARG B 363 0.46 -4.92 6.93
C ARG B 363 0.43 -4.27 8.30
N VAL B 364 0.11 -2.98 8.35
CA VAL B 364 0.11 -2.23 9.61
C VAL B 364 -1.25 -2.21 10.31
N PRO B 365 -1.32 -2.80 11.51
CA PRO B 365 -2.59 -2.81 12.25
C PRO B 365 -3.03 -1.43 12.69
N ARG B 366 -4.33 -1.20 12.74
CA ARG B 366 -4.87 0.07 13.17
C ARG B 366 -5.53 -0.13 14.54
N ILE B 367 -5.11 0.69 15.50
CA ILE B 367 -5.64 0.64 16.86
C ILE B 367 -6.57 1.85 16.96
N PHE B 368 -7.80 1.66 17.42
CA PHE B 368 -8.75 2.77 17.50
C PHE B 368 -9.01 3.28 18.91
N PHE B 369 -9.17 4.60 19.02
CA PHE B 369 -9.43 5.24 20.30
C PHE B 369 -10.73 6.05 20.20
N ARG B 370 -11.50 6.02 21.27
CA ARG B 370 -12.76 6.73 21.36
C ARG B 370 -13.08 6.90 22.84
N HIS B 371 -13.27 8.15 23.25
CA HIS B 371 -13.56 8.47 24.65
C HIS B 371 -12.32 8.24 25.51
N LYS B 372 -11.16 8.49 24.90
CA LYS B 372 -9.86 8.32 25.56
C LYS B 372 -9.55 6.88 25.93
N ARG B 373 -10.23 5.93 25.31
CA ARG B 373 -9.98 4.53 25.60
C ARG B 373 -9.81 3.74 24.30
N ILE B 374 -9.05 2.66 24.35
CA ILE B 374 -8.86 1.84 23.17
C ILE B 374 -10.19 1.17 22.88
N MET B 375 -10.66 1.32 21.65
CA MET B 375 -11.93 0.75 21.24
C MET B 375 -11.75 -0.64 20.65
N GLU B 376 -11.03 -0.71 19.54
CA GLU B 376 -10.78 -2.00 18.88
C GLU B 376 -9.45 -1.98 18.13
N VAL B 377 -9.05 -3.16 17.68
CA VAL B 377 -7.80 -3.34 16.93
C VAL B 377 -8.17 -3.99 15.61
N ARG B 378 -7.64 -3.44 14.52
CA ARG B 378 -7.93 -3.97 13.18
C ARG B 378 -6.63 -4.40 12.49
N ASN B 379 -6.39 -5.71 12.44
CA ASN B 379 -5.20 -6.25 11.80
C ASN B 379 -5.60 -6.95 10.51
N ALA B 380 -5.35 -6.29 9.39
CA ALA B 380 -5.70 -6.82 8.08
C ALA B 380 -5.33 -8.28 7.89
N ILE B 381 -4.08 -8.63 8.19
CA ILE B 381 -3.64 -10.01 8.03
C ILE B 381 -3.74 -10.79 9.34
N GLY B 382 -4.68 -10.35 10.19
CA GLY B 382 -4.90 -11.01 11.46
C GLY B 382 -5.43 -12.42 11.28
N ARG B 383 -5.32 -13.23 12.33
CA ARG B 383 -5.77 -14.61 12.29
C ARG B 383 -7.31 -14.70 12.26
#